data_5HB2
#
_entry.id   5HB2
#
_cell.length_a   53.229
_cell.length_b   73.007
_cell.length_c   122.802
_cell.angle_alpha   90.00
_cell.angle_beta   93.60
_cell.angle_gamma   90.00
#
_symmetry.space_group_name_H-M   'P 1 21 1'
#
_entity_poly.entity_id   1
_entity_poly.type   'polypeptide(L)'
_entity_poly.pdbx_seq_one_letter_code
;SDDRFLREKQAKLAEKIREFNDARQRGTPFYICRDLADLESKSGDRHGPHIVEAYRAV(MSE)E(MSE)VGEHPDAGEAP
RERQFAK(MSE)YLDPNTQSANALA(MSE)RKQILKGATTFLEKQFWNEVNSLIAKYPQDANLGGLPDVVSKIKAYIRLR
IARKTLVPDNVELQQINGEYVWAIVFYLLRAGFVTEAAQYVNSNQAHFRAIDRTFSGYINSYASSEERRLKRQ(MSE)QD
RC(MSE)SEYNQRIRNAPEGSIDPFR(MSE)ACYKIIGRCDLSNRSLDGLQTDVNDWIWLQFNLARETDRSLELAGESYG
LAELQASIREIGLKHFPKTAAEDTNGSFG(MSE)FFYLQILAG(MSE)FEQAIAYLYPFSYVDAVHFAIALTYYGLLRPV
DAASAGNELLSHNTRS(MSE)PQINFGR(MSE)LGYYTRDFRAANPAAAVDYLVLICLNADEAAGGQQAQAALCHEALRE
LVLESREFSRLIGDIRPDGRRIRGVIEERGPLIALGQEDDFIRTITLQAASFADDNGRTTDAVLLYHLAEDYDTVVSIVS
RALSEAISLEIGEDP(MSE)RLIPVKPRVTNAEGQVEEAAPGSSLSLAAIDDPVELAKA(MSE)(MSE)G(MSE)YERDH
(MSE)FWQKIREPNRVACSVLLQ(MSE)ADIKSLVEQGRWAECLDKIRALDILPLTARGDPGTIRSYAARFPSLAQPVAI
NVPNLL(MSE)WTVLCC(MSE)RQRERLAGGQFAGNESTARL(MSE)(MSE)DELKQ(MSE)TVDL(MSE)AYTSQLRYR
LPPHLHEALARASAD
;
_entity_poly.pdbx_strand_id   C
#
# COMPACT_ATOMS: atom_id res chain seq x y z
N ASP A 3 -14.92 21.01 -4.76
CA ASP A 3 -14.64 20.04 -3.71
C ASP A 3 -14.47 18.63 -4.29
N ARG A 4 -14.13 18.56 -5.58
CA ARG A 4 -13.91 17.29 -6.27
C ARG A 4 -12.45 17.09 -6.64
N PHE A 5 -11.55 17.84 -6.01
CA PHE A 5 -10.12 17.58 -6.15
C PHE A 5 -9.68 16.36 -5.36
N LEU A 6 -10.58 15.78 -4.57
CA LEU A 6 -10.26 14.55 -3.84
C LEU A 6 -9.80 13.45 -4.78
N ARG A 7 -10.48 13.29 -5.91
CA ARG A 7 -10.00 12.36 -6.93
C ARG A 7 -8.66 12.82 -7.49
N GLU A 8 -8.57 14.10 -7.85
CA GLU A 8 -7.32 14.68 -8.32
C GLU A 8 -6.18 14.44 -7.32
N LYS A 9 -6.49 14.55 -6.02
CA LYS A 9 -5.45 14.49 -5.00
C LYS A 9 -5.00 13.05 -4.74
N GLN A 10 -5.96 12.13 -4.63
CA GLN A 10 -5.63 10.73 -4.36
C GLN A 10 -4.66 10.18 -5.40
N ALA A 11 -4.73 10.68 -6.64
CA ALA A 11 -3.79 10.24 -7.67
C ALA A 11 -2.40 10.80 -7.40
N LYS A 12 -2.30 12.10 -7.11
CA LYS A 12 -1.03 12.69 -6.73
C LYS A 12 -0.41 11.95 -5.56
N LEU A 13 -1.22 11.65 -4.54
CA LEU A 13 -0.73 10.88 -3.40
C LEU A 13 -0.40 9.45 -3.80
N ALA A 14 -1.20 8.85 -4.68
CA ALA A 14 -0.99 7.46 -5.06
C ALA A 14 0.34 7.27 -5.78
N GLU A 15 0.56 8.04 -6.86
CA GLU A 15 1.79 7.89 -7.62
C GLU A 15 3.03 8.06 -6.74
N LYS A 16 2.90 8.83 -5.66
CA LYS A 16 4.02 8.97 -4.72
C LYS A 16 4.26 7.68 -3.95
N ILE A 17 3.19 6.98 -3.56
CA ILE A 17 3.34 5.68 -2.92
C ILE A 17 4.06 4.72 -3.84
N ARG A 18 3.86 4.87 -5.16
CA ARG A 18 4.55 4.03 -6.13
C ARG A 18 6.05 4.27 -6.09
N GLU A 19 6.47 5.53 -6.01
CA GLU A 19 7.89 5.84 -5.86
C GLU A 19 8.38 5.54 -4.45
N PHE A 20 7.52 5.78 -3.45
CA PHE A 20 7.86 5.45 -2.07
C PHE A 20 8.21 3.97 -1.95
N ASN A 21 7.28 3.09 -2.34
CA ASN A 21 7.53 1.66 -2.27
C ASN A 21 8.71 1.25 -3.14
N ASP A 22 8.85 1.87 -4.32
CA ASP A 22 9.99 1.58 -5.17
C ASP A 22 11.31 1.87 -4.47
N ALA A 23 11.34 2.88 -3.59
CA ALA A 23 12.59 3.25 -2.93
C ALA A 23 12.96 2.24 -1.85
N ARG A 24 11.98 1.78 -1.07
CA ARG A 24 12.26 0.75 -0.06
C ARG A 24 12.78 -0.51 -0.72
N GLN A 25 12.23 -0.84 -1.89
CA GLN A 25 12.51 -2.08 -2.59
C GLN A 25 14.00 -2.25 -2.88
N ARG A 26 14.52 -1.42 -3.78
CA ARG A 26 15.94 -1.50 -4.14
C ARG A 26 16.83 -1.10 -2.97
N GLY A 27 16.52 0.03 -2.33
CA GLY A 27 17.33 0.55 -1.25
C GLY A 27 17.79 1.97 -1.51
N THR A 28 17.07 2.67 -2.39
CA THR A 28 17.39 4.07 -2.71
C THR A 28 16.84 4.98 -1.61
N PRO A 29 17.56 6.06 -1.26
CA PRO A 29 17.07 6.93 -0.19
C PRO A 29 15.83 7.71 -0.60
N PHE A 30 14.95 7.93 0.37
CA PHE A 30 13.68 8.59 0.12
C PHE A 30 13.13 9.09 1.45
N TYR A 31 12.51 10.27 1.42
CA TYR A 31 12.03 10.96 2.62
C TYR A 31 10.52 11.16 2.48
N ILE A 32 9.76 10.34 3.22
CA ILE A 32 8.32 10.28 2.98
C ILE A 32 7.63 11.52 3.51
N CYS A 33 7.96 11.94 4.73
CA CYS A 33 7.30 13.11 5.31
C CYS A 33 7.60 14.37 4.49
N ARG A 34 8.82 14.46 3.97
CA ARG A 34 9.18 15.60 3.13
C ARG A 34 8.27 15.71 1.92
N ASP A 35 8.06 14.59 1.22
CA ASP A 35 7.29 14.63 -0.02
C ASP A 35 5.80 14.76 0.26
N LEU A 36 5.28 14.02 1.26
CA LEU A 36 3.87 14.16 1.61
C LEU A 36 3.53 15.59 2.00
N ALA A 37 4.42 16.25 2.74
CA ALA A 37 4.21 17.64 3.11
C ALA A 37 4.15 18.53 1.87
N ASP A 38 5.10 18.35 0.94
CA ASP A 38 5.09 19.11 -0.30
C ASP A 38 3.78 18.92 -1.06
N LEU A 39 3.34 17.67 -1.20
CA LEU A 39 2.07 17.39 -1.88
C LEU A 39 0.93 18.15 -1.21
N GLU A 40 0.88 18.12 0.12
CA GLU A 40 -0.22 18.75 0.85
C GLU A 40 -0.16 20.27 0.75
N SER A 41 1.04 20.83 0.59
CA SER A 41 1.16 22.28 0.48
C SER A 41 0.73 22.79 -0.89
N LYS A 42 0.99 22.01 -1.95
CA LYS A 42 0.54 22.34 -3.30
C LYS A 42 -0.83 21.73 -3.62
N SER A 43 -1.69 21.58 -2.61
CA SER A 43 -3.04 21.08 -2.80
C SER A 43 -4.11 22.15 -2.63
N GLY A 44 -3.82 23.22 -1.90
CA GLY A 44 -4.81 24.26 -1.65
C GLY A 44 -5.80 23.94 -0.56
N ASP A 45 -5.51 22.94 0.27
CA ASP A 45 -6.41 22.58 1.35
C ASP A 45 -6.55 23.74 2.34
N ARG A 46 -7.80 24.02 2.73
CA ARG A 46 -8.03 25.03 3.77
C ARG A 46 -7.28 24.66 5.05
N HIS A 47 -7.44 23.41 5.49
CA HIS A 47 -6.74 22.88 6.65
C HIS A 47 -5.30 22.48 6.35
N GLY A 48 -4.76 22.89 5.20
CA GLY A 48 -3.47 22.44 4.75
C GLY A 48 -2.34 22.73 5.72
N PRO A 49 -2.05 24.03 5.92
CA PRO A 49 -0.88 24.44 6.72
C PRO A 49 -0.64 23.62 7.99
N HIS A 50 -1.68 23.42 8.81
CA HIS A 50 -1.51 22.69 10.06
C HIS A 50 -0.95 21.29 9.81
N ILE A 51 -1.32 20.68 8.69
CA ILE A 51 -0.80 19.35 8.36
C ILE A 51 0.63 19.44 7.84
N VAL A 52 0.89 20.40 6.95
CA VAL A 52 2.26 20.60 6.46
C VAL A 52 3.19 20.81 7.63
N GLU A 53 2.72 21.52 8.66
CA GLU A 53 3.54 21.80 9.82
C GLU A 53 3.77 20.54 10.65
N ALA A 54 2.71 19.80 10.95
CA ALA A 54 2.84 18.60 11.77
C ALA A 54 3.80 17.60 11.15
N TYR A 55 3.82 17.52 9.81
CA TYR A 55 4.84 16.73 9.14
C TYR A 55 6.23 17.24 9.47
N ARG A 56 6.45 18.55 9.33
CA ARG A 56 7.75 19.14 9.63
C ARG A 56 8.15 18.87 11.08
N ALA A 57 7.18 18.74 11.98
CA ALA A 57 7.50 18.41 13.37
C ALA A 57 8.07 17.01 13.48
N VAL A 58 7.34 16.01 12.99
CA VAL A 58 7.82 14.64 13.05
C VAL A 58 9.08 14.46 12.21
N MSE A 59 9.29 15.32 11.23
CA MSE A 59 10.56 15.33 10.49
C MSE A 59 11.71 15.60 11.45
O MSE A 59 12.66 14.82 11.53
CB MSE A 59 10.55 16.38 9.38
CG MSE A 59 9.75 16.02 8.13
SE MSE A 59 10.06 17.27 6.66
CE MSE A 59 11.90 16.79 6.28
H MSE A 59 8.73 15.91 10.97
HA MSE A 59 10.69 14.46 10.08
HB2 MSE A 59 10.17 17.21 9.74
HB3 MSE A 59 11.47 16.54 9.10
HG2 MSE A 59 10.01 15.14 7.84
HG3 MSE A 59 8.81 16.04 8.34
HE1 MSE A 59 12.23 17.33 5.54
HE2 MSE A 59 12.44 16.94 7.06
HE3 MSE A 59 11.94 15.84 6.03
N GLU A 60 11.60 16.70 12.19
CA GLU A 60 12.61 17.04 13.19
C GLU A 60 12.59 16.04 14.34
N MSE A 61 11.41 15.59 14.74
CA MSE A 61 11.24 14.70 15.88
C MSE A 61 11.99 13.39 15.69
O MSE A 61 12.42 12.75 16.66
CB MSE A 61 9.76 14.41 16.11
CG MSE A 61 9.35 14.26 17.56
SE MSE A 61 7.45 13.84 17.75
CE MSE A 61 6.70 15.63 17.70
H MSE A 61 10.66 15.79 14.35
HA MSE A 61 11.59 15.14 16.67
HB2 MSE A 61 9.24 15.14 15.74
HB3 MSE A 61 9.53 13.59 15.66
HG2 MSE A 61 9.87 13.55 17.97
HG3 MSE A 61 9.52 15.10 18.03
HE1 MSE A 61 5.74 15.57 17.78
HE2 MSE A 61 7.07 16.15 18.43
HE3 MSE A 61 6.94 16.04 16.85
N VAL A 62 12.15 12.98 14.43
CA VAL A 62 12.67 11.67 14.09
C VAL A 62 14.12 11.74 13.63
N GLY A 63 14.46 12.71 12.80
CA GLY A 63 15.76 12.81 12.18
C GLY A 63 15.70 12.59 10.69
N GLU A 64 14.55 12.92 10.09
CA GLU A 64 14.39 12.89 8.64
C GLU A 64 14.84 14.23 8.10
N HIS A 65 16.14 14.36 7.86
CA HIS A 65 16.74 15.59 7.38
C HIS A 65 17.23 15.39 5.95
N PRO A 66 16.61 16.03 4.94
CA PRO A 66 17.02 15.76 3.55
C PRO A 66 18.30 16.48 3.17
N ASP A 67 18.46 17.72 3.63
CA ASP A 67 19.68 18.46 3.34
C ASP A 67 20.90 17.75 3.90
N ALA A 68 20.78 17.15 5.08
CA ALA A 68 21.84 16.30 5.60
C ALA A 68 21.89 14.95 4.91
N GLY A 69 20.82 14.57 4.20
CA GLY A 69 20.71 13.25 3.62
C GLY A 69 20.50 12.14 4.63
N GLU A 70 20.35 12.47 5.91
CA GLU A 70 20.20 11.49 6.97
C GLU A 70 18.71 11.30 7.24
N ALA A 71 18.21 10.10 6.92
CA ALA A 71 16.88 9.68 7.32
C ALA A 71 16.98 8.32 7.97
N PRO A 72 16.15 8.02 8.97
CA PRO A 72 16.34 6.77 9.72
C PRO A 72 16.02 5.55 8.88
N ARG A 73 16.73 4.47 9.17
CA ARG A 73 16.35 3.16 8.64
C ARG A 73 14.91 2.85 9.05
N GLU A 74 14.28 1.98 8.25
CA GLU A 74 12.88 1.61 8.49
C GLU A 74 12.67 1.19 9.94
N ARG A 75 11.66 1.78 10.57
CA ARG A 75 11.18 1.33 11.88
C ARG A 75 12.25 1.41 12.96
N GLN A 76 13.11 2.43 12.90
CA GLN A 76 14.19 2.54 13.86
C GLN A 76 13.67 2.63 15.30
N PHE A 77 12.40 2.99 15.49
CA PHE A 77 11.84 3.26 16.81
C PHE A 77 10.88 2.17 17.29
N ALA A 78 10.67 1.11 16.51
CA ALA A 78 9.63 0.14 16.82
C ALA A 78 9.86 -0.51 18.19
N LYS A 79 11.03 -1.13 18.38
CA LYS A 79 11.36 -1.71 19.68
C LYS A 79 11.16 -0.68 20.80
N MSE A 80 11.58 0.55 20.54
CA MSE A 80 11.61 1.59 21.57
C MSE A 80 10.20 2.05 21.94
O MSE A 80 9.93 2.33 23.11
CB MSE A 80 12.46 2.76 21.07
CG MSE A 80 13.10 3.59 22.16
SE MSE A 80 14.09 5.11 21.44
CE MSE A 80 15.26 4.18 20.19
H MSE A 80 11.85 0.83 19.78
HA MSE A 80 12.05 1.23 22.36
HB2 MSE A 80 13.17 2.40 20.51
HB3 MSE A 80 11.89 3.35 20.55
HG2 MSE A 80 12.42 3.94 22.75
HG3 MSE A 80 13.73 3.04 22.66
HE1 MSE A 80 15.83 4.82 19.73
HE2 MSE A 80 15.81 3.55 20.68
HE3 MSE A 80 14.72 3.70 19.53
N TYR A 81 9.32 2.10 20.95
CA TYR A 81 7.97 2.61 21.19
C TYR A 81 7.07 1.55 21.82
N LEU A 82 7.12 0.31 21.33
CA LEU A 82 6.09 -0.68 21.59
C LEU A 82 6.44 -1.60 22.75
N ASP A 83 7.48 -1.32 23.50
CA ASP A 83 7.70 -1.99 24.77
C ASP A 83 6.61 -1.54 25.73
N PRO A 84 5.66 -2.41 26.13
CA PRO A 84 4.56 -1.94 26.98
C PRO A 84 5.02 -1.50 28.36
N ASN A 85 6.05 -2.13 28.93
CA ASN A 85 6.54 -1.75 30.25
C ASN A 85 6.84 -0.27 30.30
N THR A 86 6.12 0.44 31.16
CA THR A 86 6.09 1.90 31.13
C THR A 86 7.13 2.54 32.05
N GLN A 87 8.08 1.77 32.57
CA GLN A 87 9.20 2.30 33.35
C GLN A 87 10.51 1.70 32.85
N SER A 88 10.66 1.60 31.54
CA SER A 88 11.80 0.94 30.92
C SER A 88 12.77 1.95 30.33
N ALA A 89 13.99 1.49 30.10
CA ALA A 89 15.01 2.34 29.46
C ALA A 89 14.54 2.84 28.11
N ASN A 90 13.68 2.08 27.43
CA ASN A 90 13.19 2.44 26.10
C ASN A 90 11.95 3.33 26.17
N ALA A 91 11.09 3.10 27.15
CA ALA A 91 9.94 3.97 27.34
C ALA A 91 10.38 5.39 27.67
N LEU A 92 11.42 5.52 28.51
CA LEU A 92 11.94 6.85 28.83
C LEU A 92 12.68 7.46 27.66
N ALA A 93 13.62 6.71 27.07
CA ALA A 93 14.42 7.22 25.96
C ALA A 93 13.55 7.70 24.81
N MSE A 94 12.31 7.24 24.71
CA MSE A 94 11.37 7.72 23.72
C MSE A 94 10.83 9.08 24.11
O MSE A 94 10.99 10.06 23.37
CB MSE A 94 10.22 6.74 23.54
CG MSE A 94 9.14 7.19 22.56
SE MSE A 94 9.78 7.21 20.71
CE MSE A 94 10.14 5.31 20.54
H MSE A 94 11.98 6.63 25.23
HA MSE A 94 11.82 7.81 22.86
HB2 MSE A 94 10.57 5.90 23.22
HB3 MSE A 94 9.78 6.61 24.41
HG2 MSE A 94 8.39 6.58 22.61
HG3 MSE A 94 8.85 8.09 22.79
HE1 MSE A 94 10.48 5.13 19.64
HE2 MSE A 94 10.80 5.05 21.20
HE3 MSE A 94 9.32 4.82 20.68
N ARG A 95 10.16 9.13 25.26
CA ARG A 95 9.58 10.38 25.74
C ARG A 95 10.56 11.54 25.64
N LYS A 96 11.85 11.26 25.87
CA LYS A 96 12.85 12.33 25.86
C LYS A 96 13.06 12.88 24.46
N GLN A 97 13.26 12.01 23.47
CA GLN A 97 13.46 12.47 22.10
C GLN A 97 12.17 13.00 21.49
N ILE A 98 11.01 12.66 22.06
CA ILE A 98 9.77 13.29 21.63
C ILE A 98 9.77 14.76 22.04
N LEU A 99 10.29 15.07 23.23
CA LEU A 99 10.34 16.44 23.70
C LEU A 99 11.48 17.21 23.05
N LYS A 100 12.63 16.57 22.86
CA LYS A 100 13.76 17.22 22.19
C LYS A 100 13.37 17.72 20.81
N GLY A 101 12.84 16.83 19.97
CA GLY A 101 12.53 17.21 18.60
C GLY A 101 11.29 18.07 18.49
N ALA A 102 10.37 17.95 19.45
CA ALA A 102 9.17 18.78 19.43
C ALA A 102 9.52 20.22 19.76
N THR A 103 10.32 20.43 20.81
CA THR A 103 10.76 21.78 21.15
C THR A 103 11.74 22.30 20.10
N THR A 104 12.57 21.42 19.56
CA THR A 104 13.51 21.83 18.51
C THR A 104 12.77 22.47 17.34
N PHE A 105 11.60 21.91 16.97
CA PHE A 105 10.85 22.49 15.86
C PHE A 105 10.19 23.80 16.26
N LEU A 106 9.54 23.83 17.43
CA LEU A 106 8.96 25.07 17.92
C LEU A 106 10.00 26.18 18.01
N GLU A 107 11.25 25.81 18.33
CA GLU A 107 12.33 26.80 18.32
C GLU A 107 12.72 27.17 16.90
N LYS A 108 12.80 26.18 15.99
CA LYS A 108 13.07 26.47 14.60
C LYS A 108 11.92 27.27 13.97
N GLN A 109 10.68 26.95 14.32
CA GLN A 109 9.53 27.66 13.77
C GLN A 109 9.65 29.16 14.02
N PHE A 110 9.84 29.55 15.28
CA PHE A 110 10.05 30.95 15.61
C PHE A 110 11.27 31.53 14.89
N TRP A 111 12.38 30.78 14.92
CA TRP A 111 13.60 31.25 14.27
C TRP A 111 13.37 31.54 12.79
N ASN A 112 12.45 30.81 12.15
CA ASN A 112 12.07 31.12 10.78
C ASN A 112 11.17 32.34 10.72
N GLU A 113 10.26 32.49 11.70
CA GLU A 113 9.46 33.71 11.79
C GLU A 113 10.34 34.94 11.93
N VAL A 114 11.52 34.78 12.53
CA VAL A 114 12.39 35.92 12.81
C VAL A 114 13.06 36.42 11.53
N ASN A 115 13.85 35.56 10.89
CA ASN A 115 14.56 35.95 9.67
C ASN A 115 13.60 36.53 8.63
N SER A 116 12.38 35.99 8.56
CA SER A 116 11.37 36.55 7.66
C SER A 116 11.09 38.01 8.01
N LEU A 117 10.78 38.26 9.28
CA LEU A 117 10.50 39.63 9.72
C LEU A 117 11.68 40.55 9.47
N ILE A 118 12.91 40.04 9.64
CA ILE A 118 14.10 40.86 9.41
C ILE A 118 14.22 41.21 7.93
N ALA A 119 14.03 40.22 7.05
CA ALA A 119 14.14 40.41 5.61
C ALA A 119 13.03 41.30 5.10
N LYS A 120 12.12 41.69 6.00
CA LYS A 120 11.04 42.61 5.65
C LYS A 120 11.45 44.07 5.80
N TYR A 121 12.44 44.36 6.66
CA TYR A 121 12.92 45.73 6.86
C TYR A 121 14.44 45.73 6.89
N PRO A 122 15.07 45.51 5.74
CA PRO A 122 16.54 45.59 5.69
C PRO A 122 17.08 46.95 6.08
N GLN A 123 16.25 47.99 6.06
CA GLN A 123 16.67 49.34 6.40
C GLN A 123 16.37 49.72 7.84
N ASP A 124 15.33 49.14 8.44
CA ASP A 124 15.01 49.39 9.83
C ASP A 124 15.59 48.36 10.78
N ALA A 125 15.90 47.16 10.29
CA ALA A 125 16.69 46.17 11.04
C ALA A 125 18.14 46.35 10.62
N ASN A 126 18.89 47.13 11.41
CA ASN A 126 20.29 47.38 11.09
C ASN A 126 21.10 46.14 11.42
N LEU A 127 21.62 45.48 10.38
CA LEU A 127 22.43 44.29 10.51
C LEU A 127 23.77 44.52 9.83
N GLY A 128 24.86 44.31 10.59
CA GLY A 128 26.16 44.27 9.98
C GLY A 128 26.31 43.05 9.09
N GLY A 129 27.43 43.00 8.37
CA GLY A 129 27.78 41.81 7.63
C GLY A 129 27.94 40.57 8.49
N LEU A 130 27.98 40.74 9.80
CA LEU A 130 28.16 39.60 10.71
C LEU A 130 26.86 38.80 10.83
N PRO A 131 26.88 37.47 10.59
CA PRO A 131 25.70 36.63 10.78
C PRO A 131 25.59 36.07 12.20
N ASP A 132 25.81 36.93 13.20
CA ASP A 132 25.76 36.49 14.58
C ASP A 132 24.33 36.15 14.99
N VAL A 133 24.20 35.16 15.86
CA VAL A 133 22.88 34.80 16.39
C VAL A 133 22.36 35.89 17.31
N VAL A 134 23.26 36.59 18.03
CA VAL A 134 22.84 37.69 18.89
C VAL A 134 22.59 38.95 18.09
N SER A 135 23.21 39.10 16.92
CA SER A 135 22.92 40.23 16.05
C SER A 135 21.47 40.19 15.59
N LYS A 136 21.00 39.03 15.12
CA LYS A 136 19.66 38.93 14.57
C LYS A 136 18.59 39.05 15.65
N ILE A 137 18.87 38.58 16.87
CA ILE A 137 17.92 38.77 17.96
C ILE A 137 17.83 40.23 18.34
N LYS A 138 18.97 40.88 18.51
CA LYS A 138 18.98 42.32 18.76
C LYS A 138 18.15 43.05 17.72
N ALA A 139 18.47 42.85 16.43
CA ALA A 139 17.72 43.48 15.35
C ALA A 139 16.23 43.15 15.46
N TYR A 140 15.91 41.87 15.68
CA TYR A 140 14.51 41.49 15.87
C TYR A 140 13.88 42.27 17.02
N ILE A 141 14.62 42.48 18.11
CA ILE A 141 14.09 43.24 19.23
C ILE A 141 13.95 44.71 18.85
N ARG A 142 14.80 45.21 17.95
CA ARG A 142 14.66 46.60 17.50
C ARG A 142 13.39 46.77 16.68
N LEU A 143 13.15 45.87 15.73
CA LEU A 143 11.93 45.92 14.94
C LEU A 143 10.70 45.82 15.84
N ARG A 144 10.77 44.95 16.86
CA ARG A 144 9.60 44.73 17.71
C ARG A 144 9.19 46.01 18.43
N ILE A 145 10.13 46.93 18.67
CA ILE A 145 9.80 48.23 19.25
C ILE A 145 9.38 49.22 18.18
N ALA A 146 10.10 49.26 17.06
CA ALA A 146 9.71 50.12 15.94
C ALA A 146 8.25 49.89 15.56
N ARG A 147 7.74 48.68 15.77
CA ARG A 147 6.36 48.34 15.49
C ARG A 147 5.43 48.53 16.68
N LYS A 148 5.98 48.83 17.86
CA LYS A 148 5.19 49.04 19.07
C LYS A 148 4.51 47.76 19.54
N THR A 149 5.10 46.60 19.22
CA THR A 149 4.52 45.31 19.58
C THR A 149 5.43 44.52 20.53
N LEU A 150 6.40 45.18 21.15
CA LEU A 150 7.25 44.50 22.12
C LEU A 150 6.52 44.25 23.43
N VAL A 151 6.00 45.31 24.05
CA VAL A 151 5.20 45.20 25.27
C VAL A 151 4.09 46.24 25.21
N PRO A 152 3.01 46.11 25.99
CA PRO A 152 2.15 47.28 26.25
C PRO A 152 2.98 48.44 26.81
N ASP A 153 2.67 49.65 26.33
CA ASP A 153 3.53 50.81 26.52
C ASP A 153 3.88 51.06 27.99
N ASN A 154 2.91 50.88 28.89
CA ASN A 154 3.01 51.47 30.21
C ASN A 154 4.11 50.84 31.06
N VAL A 155 4.31 49.53 30.96
CA VAL A 155 5.18 48.82 31.92
C VAL A 155 6.64 49.19 31.67
N GLU A 156 7.44 49.04 32.73
CA GLU A 156 8.82 49.51 32.78
C GLU A 156 9.79 48.38 32.46
N LEU A 157 10.78 48.66 31.61
CA LEU A 157 11.81 47.70 31.23
C LEU A 157 13.17 48.13 31.77
N GLN A 158 14.16 47.24 31.61
CA GLN A 158 15.52 47.47 32.09
C GLN A 158 16.47 47.49 30.90
N GLN A 159 17.32 48.52 30.85
CA GLN A 159 18.17 48.77 29.69
C GLN A 159 19.63 48.91 30.11
N ILE A 160 20.52 48.55 29.19
CA ILE A 160 21.96 48.67 29.33
C ILE A 160 22.53 48.97 27.95
N ASN A 161 23.30 50.06 27.84
CA ASN A 161 23.68 50.63 26.56
C ASN A 161 22.46 50.99 25.72
N GLY A 162 21.31 51.18 26.37
CA GLY A 162 20.04 51.30 25.69
C GLY A 162 19.40 49.98 25.33
N GLU A 163 20.18 48.90 25.25
CA GLU A 163 19.64 47.60 24.91
C GLU A 163 18.87 47.00 26.08
N TYR A 164 17.75 46.37 25.77
CA TYR A 164 16.96 45.65 26.78
C TYR A 164 17.54 44.25 26.91
N VAL A 165 18.32 44.03 27.97
CA VAL A 165 19.13 42.82 28.08
C VAL A 165 18.25 41.60 28.29
N TRP A 166 17.17 41.73 29.06
CA TRP A 166 16.37 40.56 29.42
C TRP A 166 15.66 39.97 28.22
N ALA A 167 15.18 40.82 27.31
CA ALA A 167 14.60 40.32 26.07
C ALA A 167 15.66 39.69 25.18
N ILE A 168 16.86 40.28 25.13
CA ILE A 168 17.95 39.71 24.36
C ILE A 168 18.28 38.29 24.83
N VAL A 169 18.05 38.00 26.12
CA VAL A 169 18.18 36.65 26.67
C VAL A 169 16.92 35.82 26.44
N PHE A 170 15.75 36.40 26.71
CA PHE A 170 14.50 35.68 26.52
C PHE A 170 14.35 35.21 25.08
N TYR A 171 14.40 36.13 24.11
CA TYR A 171 14.27 35.77 22.71
C TYR A 171 15.45 34.95 22.21
N LEU A 172 16.52 34.82 22.99
CA LEU A 172 17.55 33.84 22.67
C LEU A 172 17.14 32.45 23.14
N LEU A 173 16.51 32.36 24.31
CA LEU A 173 15.99 31.07 24.79
C LEU A 173 14.87 30.57 23.87
N ARG A 174 13.95 31.46 23.50
CA ARG A 174 12.85 31.10 22.62
C ARG A 174 13.37 30.50 21.31
N ALA A 175 14.36 31.13 20.70
CA ALA A 175 14.88 30.72 19.41
C ALA A 175 15.79 29.49 19.50
N GLY A 176 15.74 28.74 20.59
CA GLY A 176 16.50 27.52 20.73
C GLY A 176 17.97 27.69 21.08
N PHE A 177 18.42 28.91 21.32
CA PHE A 177 19.82 29.19 21.64
C PHE A 177 19.96 29.37 23.15
N VAL A 178 20.44 28.32 23.81
CA VAL A 178 20.69 28.35 25.26
C VAL A 178 22.15 28.67 25.56
N THR A 179 23.08 27.96 24.91
CA THR A 179 24.49 28.25 25.06
C THR A 179 24.80 29.71 24.75
N GLU A 180 24.31 30.19 23.59
CA GLU A 180 24.62 31.55 23.16
C GLU A 180 24.00 32.60 24.07
N ALA A 181 22.95 32.26 24.81
CA ALA A 181 22.43 33.17 25.83
C ALA A 181 23.35 33.23 27.03
N ALA A 182 23.85 32.09 27.48
CA ALA A 182 24.80 32.06 28.59
C ALA A 182 26.07 32.81 28.23
N GLN A 183 26.63 32.53 27.05
CA GLN A 183 27.84 33.21 26.61
C GLN A 183 27.61 34.71 26.49
N TYR A 184 26.37 35.13 26.24
CA TYR A 184 26.06 36.57 26.25
C TYR A 184 26.03 37.11 27.66
N VAL A 185 25.56 36.32 28.63
CA VAL A 185 25.58 36.75 30.03
C VAL A 185 27.02 36.82 30.54
N ASN A 186 27.87 35.91 30.09
CA ASN A 186 29.25 35.90 30.54
C ASN A 186 30.06 37.03 29.90
N SER A 187 29.87 37.23 28.59
CA SER A 187 30.56 38.33 27.91
C SER A 187 30.12 39.68 28.44
N ASN A 188 29.00 39.75 29.17
CA ASN A 188 28.49 40.98 29.75
C ASN A 188 28.30 40.83 31.26
N GLN A 189 29.17 40.05 31.91
CA GLN A 189 29.04 39.82 33.34
C GLN A 189 29.21 41.10 34.15
N ALA A 190 30.03 42.02 33.67
CA ALA A 190 30.16 43.33 34.31
C ALA A 190 28.78 43.96 34.51
N HIS A 191 27.96 43.97 33.46
CA HIS A 191 26.65 44.60 33.54
C HIS A 191 25.68 43.76 34.37
N PHE A 192 25.55 42.47 34.04
CA PHE A 192 24.56 41.63 34.70
C PHE A 192 24.75 41.63 36.22
N ARG A 193 25.99 41.78 36.69
CA ARG A 193 26.24 41.80 38.13
C ARG A 193 25.55 42.99 38.79
N ALA A 194 25.31 44.06 38.02
CA ALA A 194 24.71 45.26 38.59
C ALA A 194 23.25 45.02 39.00
N ILE A 195 22.43 44.55 38.06
CA ILE A 195 20.99 44.47 38.30
C ILE A 195 20.61 43.13 38.95
N ASP A 196 21.18 42.01 38.50
CA ASP A 196 20.91 40.70 39.10
C ASP A 196 22.21 39.89 39.05
N ARG A 197 22.95 39.92 40.16
CA ARG A 197 24.21 39.19 40.24
C ARG A 197 23.98 37.68 40.38
N THR A 198 22.90 37.29 41.04
CA THR A 198 22.60 35.87 41.20
C THR A 198 22.38 35.18 39.86
N PHE A 199 21.91 35.93 38.85
CA PHE A 199 21.40 35.31 37.64
C PHE A 199 22.50 34.56 36.89
N SER A 200 23.64 35.21 36.67
CA SER A 200 24.69 34.63 35.83
C SER A 200 25.06 33.22 36.27
N GLY A 201 24.87 32.90 37.54
CA GLY A 201 25.20 31.57 38.02
C GLY A 201 24.24 30.51 37.52
N TYR A 202 22.95 30.87 37.39
CA TYR A 202 21.94 29.88 37.00
C TYR A 202 22.07 29.51 35.54
N ILE A 203 22.03 30.50 34.64
CA ILE A 203 22.02 30.21 33.21
C ILE A 203 23.30 29.49 32.79
N ASN A 204 24.41 29.77 33.48
CA ASN A 204 25.64 29.01 33.22
C ASN A 204 25.47 27.55 33.61
N SER A 205 24.76 27.29 34.72
CA SER A 205 24.43 25.92 35.08
C SER A 205 23.41 25.34 34.12
N TYR A 206 22.57 26.19 33.53
CA TYR A 206 21.58 25.74 32.55
C TYR A 206 22.26 25.20 31.29
N ALA A 207 23.00 26.06 30.59
CA ALA A 207 23.62 25.69 29.33
C ALA A 207 24.71 24.62 29.49
N SER A 208 25.19 24.38 30.70
CA SER A 208 26.21 23.35 30.91
C SER A 208 25.60 21.96 31.03
N SER A 209 24.41 21.86 31.61
CA SER A 209 23.73 20.57 31.72
C SER A 209 23.02 20.26 30.40
N GLU A 210 23.21 19.04 29.91
CA GLU A 210 22.47 18.60 28.73
C GLU A 210 21.00 18.40 29.03
N GLU A 211 20.65 18.14 30.30
CA GLU A 211 19.25 18.04 30.70
C GLU A 211 18.59 19.40 30.79
N ARG A 212 19.31 20.49 30.57
CA ARG A 212 18.79 21.85 30.74
C ARG A 212 18.11 21.98 32.10
N ARG A 213 18.82 21.53 33.14
CA ARG A 213 18.32 21.52 34.51
C ARG A 213 19.44 22.02 35.42
N LEU A 214 19.04 22.50 36.60
CA LEU A 214 19.94 23.20 37.51
C LEU A 214 20.39 22.31 38.67
N LYS A 215 21.36 22.81 39.43
CA LYS A 215 21.76 22.21 40.68
C LYS A 215 20.68 22.43 41.73
N ARG A 216 20.75 21.68 42.83
CA ARG A 216 19.72 21.78 43.85
C ARG A 216 19.86 23.06 44.67
N GLN A 217 21.09 23.50 44.95
CA GLN A 217 21.27 24.80 45.58
C GLN A 217 20.76 25.92 44.67
N MSE A 218 21.15 25.87 43.39
CA MSE A 218 20.65 26.81 42.39
C MSE A 218 19.12 26.82 42.35
O MSE A 218 18.50 27.87 42.51
CB MSE A 218 21.19 26.44 41.00
CG MSE A 218 22.70 26.50 40.86
SE MSE A 218 23.41 28.30 40.90
CE MSE A 218 24.25 28.25 42.66
H MSE A 218 21.71 25.30 43.08
HA MSE A 218 20.96 27.70 42.61
HB2 MSE A 218 20.91 25.54 40.80
HB3 MSE A 218 20.82 27.07 40.36
HG2 MSE A 218 23.10 26.00 41.59
HG3 MSE A 218 22.95 26.10 40.02
HE1 MSE A 218 24.66 29.11 42.83
HE2 MSE A 218 23.57 28.07 43.33
HE3 MSE A 218 24.92 27.55 42.66
N GLN A 219 18.54 25.65 42.10
CA GLN A 219 17.10 25.54 41.89
C GLN A 219 16.33 26.06 43.10
N ASP A 220 16.77 25.70 44.31
CA ASP A 220 16.10 26.18 45.50
C ASP A 220 16.40 27.66 45.73
N ARG A 221 17.64 28.08 45.46
CA ARG A 221 17.98 29.50 45.55
C ARG A 221 17.24 30.32 44.50
N CYS A 222 16.91 29.71 43.35
CA CYS A 222 16.19 30.42 42.30
C CYS A 222 14.69 30.48 42.58
N MSE A 223 14.14 29.39 43.13
CA MSE A 223 12.73 29.37 43.53
C MSE A 223 12.50 30.48 44.55
O MSE A 223 11.53 31.23 44.45
CB MSE A 223 12.36 28.01 44.12
CG MSE A 223 10.90 27.63 43.96
SE MSE A 223 10.53 26.82 42.23
CE MSE A 223 10.12 25.00 42.81
H MSE A 223 14.55 28.65 43.28
HA MSE A 223 12.18 29.53 42.74
HB2 MSE A 223 12.90 27.32 43.70
HB3 MSE A 223 12.55 28.03 45.07
HG2 MSE A 223 10.66 26.99 44.66
HG3 MSE A 223 10.35 28.42 44.04
HE1 MSE A 223 9.90 24.46 42.04
HE2 MSE A 223 10.89 24.64 43.27
HE3 MSE A 223 9.36 25.03 43.41
N SER A 224 13.42 30.59 45.50
CA SER A 224 13.32 31.63 46.53
C SER A 224 13.44 33.02 45.93
N GLU A 225 14.50 33.24 45.13
CA GLU A 225 14.68 34.53 44.47
C GLU A 225 13.45 34.91 43.65
N TYR A 226 12.72 33.91 43.13
CA TYR A 226 11.58 34.15 42.27
C TYR A 226 10.31 34.40 43.07
N ASN A 227 10.10 33.63 44.15
CA ASN A 227 8.88 33.78 44.93
C ASN A 227 8.86 35.07 45.73
N GLN A 228 10.01 35.46 46.29
CA GLN A 228 10.03 36.50 47.32
C GLN A 228 9.76 37.89 46.71
N ARG A 229 10.58 38.30 45.74
CA ARG A 229 10.62 39.68 45.29
C ARG A 229 10.12 39.86 43.86
N ILE A 230 9.58 38.82 43.23
CA ILE A 230 9.03 38.92 41.88
C ILE A 230 7.61 38.35 41.87
N ARG A 231 7.47 37.11 42.35
CA ARG A 231 6.18 36.42 42.30
C ARG A 231 5.10 37.20 43.03
N ASN A 232 5.44 37.80 44.17
CA ASN A 232 4.51 38.61 44.95
C ASN A 232 5.22 39.92 45.34
N ALA A 233 5.38 40.79 44.34
CA ALA A 233 5.99 42.11 44.48
C ALA A 233 5.05 43.12 43.85
N PRO A 234 5.37 44.41 43.85
CA PRO A 234 4.46 45.39 43.24
C PRO A 234 4.28 45.14 41.76
N GLU A 235 3.05 45.33 41.28
CA GLU A 235 2.73 45.07 39.88
C GLU A 235 3.39 46.07 38.97
N GLY A 236 3.91 45.58 37.84
CA GLY A 236 4.40 46.43 36.78
C GLY A 236 5.82 46.95 36.95
N SER A 237 6.45 46.73 38.11
CA SER A 237 7.79 47.25 38.35
C SER A 237 8.88 46.31 37.85
N ILE A 238 8.59 45.03 37.69
CA ILE A 238 9.58 44.04 37.30
C ILE A 238 9.58 43.91 35.78
N ASP A 239 10.76 43.77 35.19
CA ASP A 239 10.88 43.59 33.76
C ASP A 239 10.22 42.28 33.35
N PRO A 240 9.14 42.31 32.55
CA PRO A 240 8.44 41.05 32.23
C PRO A 240 9.31 40.03 31.51
N PHE A 241 10.40 40.46 30.85
CA PHE A 241 11.31 39.50 30.23
C PHE A 241 12.17 38.81 31.27
N ARG A 242 12.44 39.47 32.40
CA ARG A 242 13.18 38.83 33.48
C ARG A 242 12.29 37.83 34.22
N MSE A 243 11.05 38.23 34.51
CA MSE A 243 10.08 37.33 35.13
C MSE A 243 9.89 36.11 34.25
O MSE A 243 9.64 35.00 34.74
CB MSE A 243 8.74 38.05 35.34
CG MSE A 243 7.66 37.19 35.96
SE MSE A 243 5.96 38.14 36.13
CE MSE A 243 6.47 39.45 37.49
H MSE A 243 10.75 39.02 34.36
HA MSE A 243 10.41 37.06 35.99
HB2 MSE A 243 8.89 38.81 35.93
HB3 MSE A 243 8.42 38.36 34.49
HG2 MSE A 243 7.51 36.41 35.41
HG3 MSE A 243 7.94 36.92 36.85
HE1 MSE A 243 5.69 40.01 37.68
HE2 MSE A 243 6.75 38.98 38.29
HE3 MSE A 243 7.19 39.99 37.14
N ALA A 244 10.02 36.30 32.93
CA ALA A 244 9.94 35.19 31.99
C ALA A 244 11.24 34.38 31.97
N CYS A 245 12.37 35.06 31.78
CA CYS A 245 13.67 34.38 31.81
C CYS A 245 13.83 33.56 33.08
N TYR A 246 13.17 33.96 34.17
CA TYR A 246 13.23 33.18 35.40
C TYR A 246 12.40 31.92 35.28
N LYS A 247 11.15 32.05 34.81
CA LYS A 247 10.27 30.90 34.69
C LYS A 247 10.85 29.85 33.75
N ILE A 248 11.54 30.29 32.69
CA ILE A 248 12.21 29.35 31.79
C ILE A 248 13.34 28.65 32.53
N ILE A 249 14.30 29.43 33.04
CA ILE A 249 15.55 28.87 33.56
C ILE A 249 15.27 27.96 34.74
N GLY A 250 14.45 28.43 35.68
CA GLY A 250 14.21 27.72 36.91
C GLY A 250 13.00 26.82 36.93
N ARG A 251 12.20 26.80 35.86
CA ARG A 251 10.96 26.03 35.84
C ARG A 251 10.07 26.41 37.02
N CYS A 252 10.11 27.68 37.40
CA CYS A 252 9.32 28.16 38.52
C CYS A 252 7.85 28.24 38.14
N ASP A 253 6.99 28.30 39.16
CA ASP A 253 5.54 28.41 38.97
C ASP A 253 5.07 27.40 37.94
N LEU A 254 5.58 26.17 38.03
CA LEU A 254 5.30 25.14 37.04
C LEU A 254 3.82 24.87 36.88
N SER A 255 2.99 25.29 37.85
CA SER A 255 1.55 25.12 37.73
C SER A 255 0.96 26.12 36.73
N ASN A 256 1.26 27.40 36.90
CA ASN A 256 0.77 28.46 36.04
C ASN A 256 1.81 28.72 34.96
N ARG A 257 1.57 28.19 33.76
CA ARG A 257 2.51 28.29 32.66
C ARG A 257 2.02 29.28 31.61
N SER A 258 1.90 30.55 32.00
CA SER A 258 1.42 31.61 31.12
C SER A 258 2.47 32.71 31.03
N LEU A 259 2.71 33.21 29.82
CA LEU A 259 3.59 34.36 29.60
C LEU A 259 2.74 35.61 29.74
N ASP A 260 2.66 36.12 30.96
CA ASP A 260 1.67 37.15 31.28
C ASP A 260 2.01 38.50 30.67
N GLY A 261 3.27 38.90 30.74
CA GLY A 261 3.64 40.29 30.47
C GLY A 261 3.90 40.66 29.03
N LEU A 262 4.01 39.69 28.12
CA LEU A 262 4.56 39.93 26.81
C LEU A 262 3.49 39.81 25.72
N GLN A 263 3.81 40.37 24.55
CA GLN A 263 2.98 40.25 23.36
C GLN A 263 3.34 38.93 22.68
N THR A 264 2.67 37.86 23.08
CA THR A 264 2.97 36.51 22.63
C THR A 264 1.73 35.88 22.00
N ASP A 265 1.96 35.01 21.02
CA ASP A 265 0.90 34.32 20.30
C ASP A 265 0.80 32.87 20.76
N VAL A 266 -0.10 32.12 20.12
CA VAL A 266 -0.30 30.72 20.48
C VAL A 266 1.00 29.93 20.28
N ASN A 267 1.77 30.28 19.25
CA ASN A 267 2.99 29.53 18.97
C ASN A 267 4.03 29.74 20.07
N ASP A 268 4.01 30.88 20.74
CA ASP A 268 4.85 31.07 21.92
C ASP A 268 4.29 30.27 23.10
N TRP A 269 2.99 30.42 23.36
CA TRP A 269 2.30 29.59 24.35
C TRP A 269 2.67 28.12 24.20
N ILE A 270 2.68 27.63 22.95
CA ILE A 270 3.05 26.23 22.70
C ILE A 270 4.50 25.99 23.11
N TRP A 271 5.41 26.84 22.64
CA TRP A 271 6.84 26.63 22.91
C TRP A 271 7.11 26.49 24.41
N LEU A 272 6.36 27.21 25.24
CA LEU A 272 6.57 27.17 26.67
C LEU A 272 6.17 25.80 27.24
N GLN A 273 4.96 25.34 26.92
CA GLN A 273 4.45 24.09 27.47
C GLN A 273 5.38 22.92 27.15
N PHE A 274 6.15 23.01 26.08
CA PHE A 274 7.12 21.98 25.70
C PHE A 274 8.49 22.24 26.30
N ASN A 275 8.90 23.50 26.42
CA ASN A 275 10.23 23.82 26.92
C ASN A 275 10.34 23.63 28.42
N LEU A 276 9.22 23.66 29.15
CA LEU A 276 9.23 23.49 30.59
C LEU A 276 9.21 22.03 31.03
N ALA A 277 8.86 21.11 30.13
CA ALA A 277 8.70 19.71 30.48
C ALA A 277 10.03 18.96 30.39
N ARG A 278 10.35 18.23 31.45
CA ARG A 278 11.49 17.32 31.47
C ARG A 278 11.02 15.98 32.00
N GLU A 279 11.60 14.90 31.48
CA GLU A 279 11.18 13.55 31.84
C GLU A 279 12.02 13.04 33.00
N THR A 280 11.37 12.84 34.15
CA THR A 280 12.04 12.26 35.30
C THR A 280 12.22 10.76 35.10
N ASP A 281 13.13 10.19 35.88
CA ASP A 281 13.20 8.74 35.99
C ASP A 281 11.97 8.24 36.71
N ARG A 282 11.32 7.21 36.14
CA ARG A 282 10.15 6.63 36.79
C ARG A 282 10.47 6.15 38.19
N SER A 283 11.72 5.76 38.45
CA SER A 283 12.13 5.24 39.75
C SER A 283 12.50 6.37 40.71
N LEU A 284 11.54 7.27 40.90
CA LEU A 284 11.64 8.30 41.94
C LEU A 284 10.27 8.91 42.12
N GLU A 285 10.03 9.45 43.31
CA GLU A 285 8.82 10.19 43.60
C GLU A 285 9.07 11.66 43.33
N LEU A 286 8.35 12.21 42.35
CA LEU A 286 8.65 13.52 41.79
C LEU A 286 8.21 14.59 42.79
N ALA A 287 9.06 14.84 43.78
CA ALA A 287 8.81 15.91 44.73
C ALA A 287 8.80 17.25 44.00
N GLY A 288 7.71 18.00 44.16
CA GLY A 288 7.42 19.13 43.32
C GLY A 288 6.61 18.81 42.09
N GLU A 289 6.41 17.52 41.79
CA GLU A 289 5.54 17.07 40.71
C GLU A 289 6.09 17.54 39.36
N SER A 290 7.33 17.10 39.09
CA SER A 290 8.05 17.55 37.90
C SER A 290 7.22 17.32 36.65
N TYR A 291 6.97 18.41 35.93
CA TYR A 291 6.10 18.42 34.77
C TYR A 291 6.76 17.67 33.62
N GLY A 292 6.06 16.67 33.08
CA GLY A 292 6.61 15.81 32.03
C GLY A 292 5.68 15.67 30.85
N LEU A 293 6.05 14.76 29.94
CA LEU A 293 5.28 14.57 28.71
C LEU A 293 3.83 14.17 29.02
N ALA A 294 3.64 13.33 30.03
CA ALA A 294 2.28 12.90 30.37
C ALA A 294 1.46 14.06 30.92
N GLU A 295 2.05 14.85 31.84
CA GLU A 295 1.35 16.02 32.36
C GLU A 295 1.02 17.02 31.26
N LEU A 296 1.85 17.05 30.21
CA LEU A 296 1.56 17.88 29.04
C LEU A 296 0.48 17.25 28.17
N GLN A 297 0.64 15.96 27.87
CA GLN A 297 -0.37 15.25 27.08
C GLN A 297 -1.75 15.39 27.69
N ALA A 298 -1.86 15.29 29.02
CA ALA A 298 -3.14 15.49 29.68
C ALA A 298 -3.68 16.89 29.44
N SER A 299 -2.79 17.88 29.37
CA SER A 299 -3.24 19.26 29.16
C SER A 299 -3.88 19.41 27.78
N ILE A 300 -3.17 19.01 26.72
CA ILE A 300 -3.70 19.13 25.37
C ILE A 300 -5.03 18.41 25.26
N ARG A 301 -5.12 17.22 25.84
CA ARG A 301 -6.36 16.44 25.79
C ARG A 301 -7.52 17.23 26.38
N GLU A 302 -7.24 18.18 27.28
CA GLU A 302 -8.28 19.02 27.84
C GLU A 302 -8.57 20.23 26.94
N ILE A 303 -7.58 20.67 26.15
CA ILE A 303 -7.82 21.80 25.24
C ILE A 303 -8.85 21.41 24.20
N GLY A 304 -8.83 20.16 23.75
CA GLY A 304 -9.77 19.73 22.73
C GLY A 304 -11.20 19.72 23.23
N LEU A 305 -11.43 19.13 24.40
CA LEU A 305 -12.78 19.09 24.97
C LEU A 305 -13.30 20.47 25.30
N LYS A 306 -12.43 21.48 25.38
CA LYS A 306 -12.81 22.85 25.73
C LYS A 306 -13.05 23.72 24.50
N HIS A 307 -12.03 23.90 23.66
CA HIS A 307 -12.08 24.84 22.56
C HIS A 307 -12.27 24.17 21.19
N PHE A 308 -12.53 22.86 21.16
CA PHE A 308 -12.62 22.13 19.90
C PHE A 308 -13.83 21.20 19.92
N PRO A 309 -14.30 20.77 18.74
CA PRO A 309 -15.45 19.86 18.68
C PRO A 309 -15.02 18.41 18.44
N LYS A 310 -16.01 17.52 18.31
CA LYS A 310 -15.75 16.10 18.12
C LYS A 310 -15.91 15.63 16.68
N THR A 311 -16.93 16.12 15.96
CA THR A 311 -17.35 15.54 14.70
C THR A 311 -17.17 16.54 13.56
N ALA A 312 -17.46 16.05 12.34
CA ALA A 312 -17.34 16.88 11.15
C ALA A 312 -18.48 17.87 10.99
N ALA A 313 -19.61 17.65 11.68
CA ALA A 313 -20.71 18.59 11.67
C ALA A 313 -20.53 19.69 12.71
N GLU A 314 -19.97 19.35 13.86
CA GLU A 314 -19.71 20.36 14.89
C GLU A 314 -18.67 21.38 14.41
N ASP A 315 -17.62 20.90 13.74
CA ASP A 315 -16.60 21.79 13.16
C ASP A 315 -17.01 22.13 11.74
N THR A 316 -17.39 23.39 11.52
CA THR A 316 -17.58 23.92 10.18
C THR A 316 -16.60 25.03 9.84
N ASN A 317 -16.00 25.69 10.83
CA ASN A 317 -14.97 26.68 10.57
C ASN A 317 -13.75 26.06 9.88
N GLY A 318 -13.55 24.76 10.03
CA GLY A 318 -12.41 24.11 9.41
C GLY A 318 -11.11 24.26 10.17
N SER A 319 -11.18 24.43 11.48
CA SER A 319 -9.98 24.61 12.31
C SER A 319 -9.58 23.32 13.02
N PHE A 320 -10.09 22.17 12.57
CA PHE A 320 -9.61 20.90 13.11
C PHE A 320 -8.12 20.72 12.86
N GLY A 321 -7.56 21.44 11.89
CA GLY A 321 -6.15 21.27 11.56
C GLY A 321 -5.24 21.51 12.75
N MSE A 322 -5.52 22.56 13.53
CA MSE A 322 -4.69 22.89 14.69
C MSE A 322 -4.63 21.73 15.68
O MSE A 322 -3.54 21.24 15.99
CB MSE A 322 -5.24 24.15 15.38
CG MSE A 322 -4.49 24.56 16.66
SE MSE A 322 -2.63 25.07 16.40
CE MSE A 322 -2.87 26.71 15.37
H MSE A 322 -6.18 23.08 13.41
HA MSE A 322 -3.79 23.09 14.38
HB2 MSE A 322 -5.18 24.89 14.76
HB3 MSE A 322 -6.16 23.99 15.62
HG2 MSE A 322 -4.95 25.32 17.06
HG3 MSE A 322 -4.51 23.81 17.28
HE1 MSE A 322 -2.00 27.09 15.16
HE2 MSE A 322 -3.34 26.49 14.55
HE3 MSE A 322 -3.39 27.34 15.89
N PHE A 323 -5.79 21.27 16.15
CA PHE A 323 -5.80 20.25 17.19
C PHE A 323 -5.07 18.98 16.75
N PHE A 324 -5.16 18.65 15.46
CA PHE A 324 -4.37 17.54 14.94
C PHE A 324 -2.87 17.86 15.07
N TYR A 325 -2.48 19.06 14.67
CA TYR A 325 -1.07 19.46 14.78
C TYR A 325 -0.63 19.46 16.23
N LEU A 326 -1.50 19.90 17.15
CA LEU A 326 -1.15 19.90 18.56
C LEU A 326 -0.89 18.48 19.05
N GLN A 327 -1.80 17.54 18.77
CA GLN A 327 -1.66 16.18 19.26
C GLN A 327 -0.44 15.48 18.65
N ILE A 328 -0.03 15.88 17.44
CA ILE A 328 1.16 15.28 16.84
C ILE A 328 2.40 15.67 17.64
N LEU A 329 2.52 16.95 18.00
CA LEU A 329 3.69 17.41 18.76
C LEU A 329 3.83 16.62 20.06
N ALA A 330 2.71 16.27 20.69
CA ALA A 330 2.73 15.56 21.96
C ALA A 330 2.92 14.06 21.81
N GLY A 331 3.12 13.57 20.58
CA GLY A 331 3.31 12.14 20.38
C GLY A 331 2.06 11.30 20.52
N MSE A 332 0.89 11.92 20.63
CA MSE A 332 -0.36 11.19 20.77
C MSE A 332 -0.85 10.81 19.38
O MSE A 332 -2.00 11.09 19.02
CB MSE A 332 -1.41 12.01 21.54
CG MSE A 332 -0.85 13.18 22.37
SE MSE A 332 -2.28 14.28 23.14
CE MSE A 332 -2.90 13.06 24.53
H MSE A 332 0.80 12.78 20.62
HA MSE A 332 -0.19 10.37 21.27
HB2 MSE A 332 -2.03 12.38 20.89
HB3 MSE A 332 -1.88 11.42 22.14
HG2 MSE A 332 -0.32 12.82 23.09
HG3 MSE A 332 -0.32 13.74 21.80
HE1 MSE A 332 -3.62 13.47 25.02
HE2 MSE A 332 -3.21 12.24 24.11
HE3 MSE A 332 -2.16 12.86 25.13
N PHE A 333 0.01 10.17 18.60
CA PHE A 333 -0.33 9.83 17.21
C PHE A 333 -1.58 8.97 17.15
N GLU A 334 -1.76 8.07 18.12
CA GLU A 334 -2.84 7.10 18.04
C GLU A 334 -4.20 7.77 18.17
N GLN A 335 -4.31 8.83 18.98
CA GLN A 335 -5.57 9.54 19.13
C GLN A 335 -5.75 10.64 18.10
N ALA A 336 -4.65 11.21 17.59
CA ALA A 336 -4.73 12.29 16.62
C ALA A 336 -5.31 11.78 15.30
N ILE A 337 -4.72 10.72 14.75
CA ILE A 337 -5.18 10.19 13.48
C ILE A 337 -6.64 9.78 13.54
N ALA A 338 -7.09 9.30 14.70
CA ALA A 338 -8.50 8.99 14.87
C ALA A 338 -9.33 10.26 14.94
N TYR A 339 -8.80 11.30 15.59
CA TYR A 339 -9.49 12.59 15.61
C TYR A 339 -9.64 13.17 14.21
N LEU A 340 -8.65 12.93 13.34
CA LEU A 340 -8.62 13.55 12.03
C LEU A 340 -9.39 12.79 10.96
N TYR A 341 -9.48 11.45 11.08
CA TYR A 341 -10.04 10.65 9.99
C TYR A 341 -11.38 11.15 9.50
N PRO A 342 -12.34 11.57 10.34
CA PRO A 342 -13.59 12.13 9.79
C PRO A 342 -13.38 13.38 8.97
N PHE A 343 -12.54 14.31 9.43
CA PHE A 343 -12.42 15.61 8.79
C PHE A 343 -11.71 15.51 7.45
N SER A 344 -10.62 14.74 7.39
CA SER A 344 -9.85 14.54 6.15
C SER A 344 -9.39 13.08 6.16
N TYR A 345 -10.32 12.18 5.83
CA TYR A 345 -9.98 10.75 5.82
C TYR A 345 -8.88 10.45 4.82
N VAL A 346 -8.62 11.34 3.87
CA VAL A 346 -7.48 11.18 2.98
C VAL A 346 -6.18 11.32 3.76
N ASP A 347 -5.98 12.48 4.40
CA ASP A 347 -4.71 12.78 5.04
C ASP A 347 -4.48 11.91 6.27
N ALA A 348 -5.54 11.56 7.00
CA ALA A 348 -5.38 10.72 8.19
C ALA A 348 -4.66 9.42 7.87
N VAL A 349 -4.83 8.92 6.64
CA VAL A 349 -4.13 7.70 6.21
C VAL A 349 -2.68 8.01 5.91
N HIS A 350 -2.44 8.88 4.91
CA HIS A 350 -1.08 9.18 4.48
C HIS A 350 -0.23 9.67 5.63
N PHE A 351 -0.83 10.36 6.61
CA PHE A 351 -0.13 10.67 7.84
C PHE A 351 0.11 9.40 8.65
N ALA A 352 -0.89 8.53 8.75
CA ALA A 352 -0.72 7.25 9.43
C ALA A 352 0.26 6.34 8.70
N ILE A 353 0.45 6.54 7.40
CA ILE A 353 1.44 5.76 6.66
C ILE A 353 2.85 6.16 7.08
N ALA A 354 3.15 7.46 7.05
CA ALA A 354 4.51 7.93 7.31
C ALA A 354 4.97 7.62 8.72
N LEU A 355 4.05 7.64 9.69
CA LEU A 355 4.42 7.30 11.06
C LEU A 355 4.80 5.84 11.18
N THR A 356 4.06 4.96 10.51
CA THR A 356 4.31 3.53 10.64
C THR A 356 5.61 3.12 9.96
N TYR A 357 6.02 3.85 8.92
CA TYR A 357 7.31 3.59 8.29
C TYR A 357 8.46 3.77 9.28
N TYR A 358 8.27 4.60 10.31
CA TYR A 358 9.30 4.88 11.29
C TYR A 358 9.08 4.15 12.61
N GLY A 359 7.87 3.68 12.90
CA GLY A 359 7.60 2.89 14.08
C GLY A 359 7.06 3.70 15.24
N LEU A 360 6.12 4.60 14.94
CA LEU A 360 5.49 5.43 15.96
C LEU A 360 4.03 5.06 16.21
N LEU A 361 3.34 4.54 15.21
CA LEU A 361 1.94 4.15 15.33
C LEU A 361 1.85 2.74 15.89
N ARG A 362 1.18 2.59 17.03
CA ARG A 362 0.98 1.27 17.62
C ARG A 362 -0.15 0.54 16.91
N PRO A 363 0.14 -0.54 16.18
CA PRO A 363 -0.94 -1.26 15.50
C PRO A 363 -1.74 -2.09 16.48
N VAL A 364 -3.01 -2.32 16.12
CA VAL A 364 -3.80 -3.31 16.84
C VAL A 364 -3.18 -4.68 16.58
N ASP A 365 -3.16 -5.52 17.61
CA ASP A 365 -2.69 -6.88 17.43
C ASP A 365 -3.58 -7.60 16.42
N ALA A 366 -2.99 -8.52 15.67
CA ALA A 366 -3.60 -9.02 14.44
C ALA A 366 -4.92 -9.73 14.72
N ALA A 367 -5.01 -10.45 15.84
CA ALA A 367 -6.17 -11.31 16.09
C ALA A 367 -7.48 -10.54 16.01
N SER A 368 -7.54 -9.35 16.62
CA SER A 368 -8.75 -8.55 16.66
C SER A 368 -8.69 -7.46 15.58
N ALA A 369 -8.80 -7.91 14.33
CA ALA A 369 -8.90 -6.97 13.22
C ALA A 369 -10.27 -6.29 13.15
N GLY A 370 -11.26 -6.78 13.92
CA GLY A 370 -12.62 -6.28 13.79
C GLY A 370 -12.89 -4.97 14.48
N ASN A 371 -12.05 -4.58 15.43
CA ASN A 371 -12.30 -3.38 16.22
C ASN A 371 -12.37 -2.15 15.32
N GLU A 372 -13.10 -1.14 15.79
CA GLU A 372 -13.18 0.13 15.09
C GLU A 372 -11.79 0.76 15.01
N LEU A 373 -11.73 1.90 14.32
CA LEU A 373 -10.48 2.62 14.11
C LEU A 373 -9.69 2.74 15.40
N LEU A 374 -10.19 3.53 16.35
CA LEU A 374 -9.52 3.70 17.63
C LEU A 374 -9.90 2.56 18.57
N SER A 375 -8.88 1.94 19.18
CA SER A 375 -9.08 0.82 20.09
C SER A 375 -7.92 0.77 21.07
N HIS A 376 -8.22 0.41 22.32
CA HIS A 376 -7.23 0.44 23.39
C HIS A 376 -6.72 -0.96 23.72
N ASN A 377 -5.49 -1.02 24.18
CA ASN A 377 -4.80 -2.28 24.43
C ASN A 377 -5.21 -2.87 25.77
N THR A 378 -4.69 -4.07 26.07
CA THR A 378 -4.90 -4.69 27.37
C THR A 378 -4.22 -3.92 28.50
N ARG A 379 -3.31 -3.00 28.17
CA ARG A 379 -2.67 -2.13 29.14
C ARG A 379 -3.14 -0.68 29.02
N SER A 380 -4.34 -0.47 28.49
CA SER A 380 -4.92 0.86 28.31
C SER A 380 -4.07 1.73 27.38
N MSE A 381 -3.38 1.11 26.43
CA MSE A 381 -2.59 1.85 25.45
C MSE A 381 -3.35 1.91 24.11
O MSE A 381 -3.79 0.89 23.61
CB MSE A 381 -1.23 1.19 25.25
CG MSE A 381 -0.41 1.04 26.54
SE MSE A 381 -0.25 2.71 27.56
CE MSE A 381 0.49 3.86 26.17
H MSE A 381 -3.36 0.26 26.34
HA MSE A 381 -2.45 2.75 25.77
HB2 MSE A 381 -1.36 0.31 24.88
HB3 MSE A 381 -0.70 1.74 24.63
HG2 MSE A 381 -0.85 0.39 27.10
HG3 MSE A 381 0.48 0.75 26.31
HE1 MSE A 381 0.63 4.74 26.53
HE2 MSE A 381 1.34 3.49 25.87
HE3 MSE A 381 -0.14 3.91 25.42
N PRO A 382 -3.52 3.12 23.55
CA PRO A 382 -4.29 3.25 22.31
C PRO A 382 -3.69 2.45 21.15
N GLN A 383 -4.56 2.00 20.26
CA GLN A 383 -4.18 1.32 19.03
C GLN A 383 -5.07 1.83 17.91
N ILE A 384 -4.54 1.78 16.68
CA ILE A 384 -5.34 2.02 15.48
C ILE A 384 -5.25 0.78 14.60
N ASN A 385 -6.37 0.44 13.97
CA ASN A 385 -6.42 -0.68 13.02
C ASN A 385 -5.87 -0.19 11.69
N PHE A 386 -4.54 -0.22 11.59
CA PHE A 386 -3.85 0.35 10.44
C PHE A 386 -4.22 -0.38 9.15
N GLY A 387 -4.10 -1.71 9.16
CA GLY A 387 -4.40 -2.48 7.95
C GLY A 387 -5.84 -2.32 7.50
N ARG A 388 -6.77 -2.46 8.43
CA ARG A 388 -8.19 -2.32 8.09
C ARG A 388 -8.54 -0.91 7.64
N MSE A 389 -7.88 0.09 8.20
CA MSE A 389 -8.12 1.47 7.81
C MSE A 389 -7.80 1.64 6.33
O MSE A 389 -8.52 2.34 5.60
CB MSE A 389 -7.28 2.44 8.65
CG MSE A 389 -7.55 3.91 8.37
SE MSE A 389 -5.93 4.99 8.35
CE MSE A 389 -5.50 4.94 10.26
H MSE A 389 -7.30 0.00 8.82
HA MSE A 389 -9.05 1.69 7.95
HB2 MSE A 389 -7.46 2.27 9.58
HB3 MSE A 389 -6.34 2.27 8.47
HG2 MSE A 389 -7.97 3.99 7.50
HG3 MSE A 389 -8.14 4.26 9.05
HE1 MSE A 389 -4.69 5.45 10.41
HE2 MSE A 389 -6.24 5.33 10.76
HE3 MSE A 389 -5.37 4.02 10.53
N LEU A 390 -6.71 1.01 5.89
CA LEU A 390 -6.38 1.02 4.47
C LEU A 390 -7.40 0.26 3.65
N GLY A 391 -7.87 -0.87 4.18
CA GLY A 391 -8.89 -1.65 3.51
C GLY A 391 -10.08 -0.81 3.09
N TYR A 392 -10.71 -0.12 4.05
CA TYR A 392 -11.82 0.74 3.72
C TYR A 392 -11.42 1.84 2.74
N TYR A 393 -10.26 2.46 2.97
CA TYR A 393 -9.78 3.49 2.05
C TYR A 393 -9.53 2.91 0.66
N THR A 394 -9.17 1.62 0.59
CA THR A 394 -8.92 1.00 -0.72
C THR A 394 -10.19 0.92 -1.55
N ARG A 395 -11.35 0.75 -0.90
CA ARG A 395 -12.60 0.50 -1.61
C ARG A 395 -13.19 1.77 -2.25
N ASP A 396 -12.33 2.63 -2.78
CA ASP A 396 -12.75 3.78 -3.58
C ASP A 396 -12.11 3.79 -4.95
N PHE A 397 -11.05 3.01 -5.16
CA PHE A 397 -10.33 3.00 -6.44
C PHE A 397 -9.78 1.60 -6.75
N ARG A 398 -10.24 0.57 -6.06
CA ARG A 398 -9.72 -0.78 -6.26
C ARG A 398 -10.20 -1.42 -7.55
N ALA A 399 -11.28 -0.90 -8.14
CA ALA A 399 -11.80 -1.47 -9.38
C ALA A 399 -11.07 -0.90 -10.60
N ALA A 400 -10.96 0.42 -10.68
CA ALA A 400 -10.37 1.04 -11.85
C ALA A 400 -8.85 0.86 -11.90
N ASN A 401 -8.20 0.79 -10.74
CA ASN A 401 -6.75 0.72 -10.66
C ASN A 401 -6.35 -0.11 -9.45
N PRO A 402 -6.46 -1.44 -9.54
CA PRO A 402 -5.88 -2.29 -8.50
C PRO A 402 -4.37 -2.22 -8.43
N ALA A 403 -3.71 -1.85 -9.54
CA ALA A 403 -2.26 -1.67 -9.52
C ALA A 403 -1.84 -0.68 -8.44
N ALA A 404 -2.65 0.36 -8.24
CA ALA A 404 -2.41 1.31 -7.15
C ALA A 404 -2.81 0.72 -5.81
N ALA A 405 -3.99 0.09 -5.76
CA ALA A 405 -4.47 -0.48 -4.51
C ALA A 405 -3.44 -1.43 -3.88
N VAL A 406 -2.71 -2.18 -4.71
CA VAL A 406 -1.72 -3.10 -4.19
C VAL A 406 -0.60 -2.35 -3.48
N ASP A 407 -0.11 -1.27 -4.11
CA ASP A 407 0.90 -0.43 -3.48
C ASP A 407 0.48 -0.02 -2.06
N TYR A 408 -0.75 0.49 -1.92
CA TYR A 408 -1.25 0.85 -0.60
C TYR A 408 -1.37 -0.36 0.31
N LEU A 409 -1.74 -1.51 -0.25
CA LEU A 409 -2.07 -2.66 0.58
C LEU A 409 -0.83 -3.39 1.09
N VAL A 410 0.30 -3.30 0.40
CA VAL A 410 1.53 -3.88 0.92
C VAL A 410 1.94 -3.17 2.21
N LEU A 411 1.53 -1.91 2.38
CA LEU A 411 1.88 -1.15 3.57
C LEU A 411 1.33 -1.75 4.84
N ILE A 412 0.43 -2.75 4.74
CA ILE A 412 0.11 -3.58 5.89
C ILE A 412 1.38 -4.27 6.40
N CYS A 413 2.35 -4.50 5.51
CA CYS A 413 3.58 -5.21 5.87
C CYS A 413 4.46 -4.41 6.82
N LEU A 414 4.27 -3.08 6.91
CA LEU A 414 5.15 -2.27 7.75
C LEU A 414 5.26 -2.84 9.16
N ASN A 415 4.16 -3.34 9.71
CA ASN A 415 4.19 -3.93 11.03
C ASN A 415 4.64 -5.39 10.99
N ALA A 416 5.45 -5.74 10.00
CA ALA A 416 6.13 -7.03 9.96
C ALA A 416 7.35 -7.07 10.87
N ASP A 417 7.68 -5.97 11.54
CA ASP A 417 8.79 -5.97 12.48
C ASP A 417 8.43 -6.77 13.73
N GLU A 418 9.46 -7.30 14.39
CA GLU A 418 9.26 -8.19 15.51
C GLU A 418 8.64 -7.49 16.72
N ALA A 419 8.90 -6.18 16.88
CA ALA A 419 8.45 -5.48 18.06
C ALA A 419 6.93 -5.38 18.13
N ALA A 420 6.27 -5.36 16.97
CA ALA A 420 4.80 -5.36 16.95
C ALA A 420 4.21 -6.62 17.56
N GLY A 421 5.02 -7.66 17.80
CA GLY A 421 4.54 -8.93 18.29
C GLY A 421 4.27 -9.94 17.19
N GLY A 422 4.35 -9.55 15.93
CA GLY A 422 4.09 -10.43 14.82
C GLY A 422 4.98 -10.16 13.63
N GLN A 423 6.02 -10.98 13.45
CA GLN A 423 6.81 -10.92 12.23
C GLN A 423 6.13 -11.69 11.11
N GLN A 424 5.75 -12.95 11.38
CA GLN A 424 4.91 -13.71 10.46
C GLN A 424 3.44 -13.42 10.68
N ALA A 425 3.05 -12.96 11.87
CA ALA A 425 1.63 -12.82 12.21
C ALA A 425 1.00 -11.61 11.52
N GLN A 426 1.69 -10.48 11.48
CA GLN A 426 1.20 -9.32 10.73
C GLN A 426 1.43 -9.50 9.24
N ALA A 427 2.60 -10.02 8.86
CA ALA A 427 2.86 -10.34 7.45
C ALA A 427 1.80 -11.28 6.90
N ALA A 428 1.22 -12.12 7.76
CA ALA A 428 0.16 -13.01 7.30
C ALA A 428 -1.12 -12.25 7.00
N LEU A 429 -1.44 -11.23 7.80
CA LEU A 429 -2.63 -10.43 7.53
C LEU A 429 -2.49 -9.61 6.26
N CYS A 430 -1.28 -9.13 5.96
CA CYS A 430 -1.02 -8.52 4.67
C CYS A 430 -1.20 -9.52 3.55
N HIS A 431 -0.52 -10.67 3.65
CA HIS A 431 -0.68 -11.73 2.66
C HIS A 431 -2.13 -12.20 2.60
N GLU A 432 -2.79 -12.29 3.75
CA GLU A 432 -4.21 -12.61 3.77
C GLU A 432 -5.02 -11.54 3.07
N ALA A 433 -4.63 -10.27 3.22
CA ALA A 433 -5.38 -9.19 2.60
C ALA A 433 -5.26 -9.21 1.09
N LEU A 434 -4.05 -9.48 0.57
CA LEU A 434 -3.88 -9.66 -0.87
C LEU A 434 -4.60 -10.90 -1.36
N ARG A 435 -4.64 -11.94 -0.53
CA ARG A 435 -5.29 -13.20 -0.91
C ARG A 435 -6.74 -12.98 -1.29
N GLU A 436 -7.48 -12.20 -0.50
CA GLU A 436 -8.89 -11.94 -0.77
C GLU A 436 -9.09 -10.76 -1.70
N LEU A 437 -8.03 -10.03 -2.05
CA LEU A 437 -8.13 -9.03 -3.11
C LEU A 437 -8.15 -9.69 -4.47
N VAL A 438 -7.25 -10.65 -4.69
CA VAL A 438 -7.16 -11.33 -5.97
C VAL A 438 -8.41 -12.16 -6.24
N LEU A 439 -8.96 -12.79 -5.20
CA LEU A 439 -10.18 -13.58 -5.38
C LEU A 439 -11.37 -12.68 -5.72
N GLU A 440 -11.36 -11.45 -5.23
CA GLU A 440 -12.49 -10.54 -5.47
C GLU A 440 -12.56 -10.11 -6.92
N SER A 441 -11.42 -9.83 -7.54
CA SER A 441 -11.34 -9.35 -8.91
C SER A 441 -10.83 -10.45 -9.84
N ARG A 442 -11.27 -10.40 -11.09
CA ARG A 442 -10.72 -11.26 -12.12
C ARG A 442 -9.49 -10.64 -12.78
N GLU A 443 -8.91 -9.61 -12.17
CA GLU A 443 -7.77 -8.88 -12.73
C GLU A 443 -6.48 -9.67 -12.52
N PHE A 444 -6.43 -10.87 -13.10
CA PHE A 444 -5.27 -11.73 -12.97
C PHE A 444 -4.15 -11.38 -13.95
N SER A 445 -4.43 -10.55 -14.95
CA SER A 445 -3.41 -10.22 -15.94
C SER A 445 -2.41 -9.21 -15.39
N ARG A 446 -2.87 -8.26 -14.58
CA ARG A 446 -1.97 -7.28 -13.96
C ARG A 446 -1.44 -7.77 -12.62
N LEU A 447 -2.32 -8.32 -11.78
CA LEU A 447 -1.94 -8.67 -10.41
C LEU A 447 -0.85 -9.74 -10.40
N ILE A 448 -1.16 -10.93 -10.92
CA ILE A 448 -0.24 -12.06 -10.78
C ILE A 448 0.72 -12.17 -11.95
N GLY A 449 0.28 -11.89 -13.17
CA GLY A 449 1.18 -11.85 -14.30
C GLY A 449 0.45 -12.13 -15.60
N ASP A 450 1.25 -12.26 -16.66
CA ASP A 450 0.77 -12.46 -18.02
C ASP A 450 1.80 -13.29 -18.76
N ILE A 451 1.43 -13.79 -19.93
CA ILE A 451 2.24 -14.75 -20.68
C ILE A 451 2.56 -14.18 -22.06
N ARG A 452 3.83 -14.24 -22.44
CA ARG A 452 4.34 -13.88 -23.76
C ARG A 452 3.85 -14.88 -24.80
N PRO A 453 4.20 -14.70 -26.08
CA PRO A 453 3.96 -15.80 -27.04
C PRO A 453 4.94 -16.95 -26.89
N ASP A 454 5.97 -16.80 -26.05
CA ASP A 454 6.98 -17.85 -25.86
C ASP A 454 6.44 -19.02 -25.00
N GLY A 455 5.93 -18.78 -23.79
CA GLY A 455 5.75 -17.49 -23.17
C GLY A 455 6.36 -17.42 -21.79
N ARG A 456 7.54 -16.80 -21.69
CA ARG A 456 8.09 -16.47 -20.38
C ARG A 456 7.18 -15.47 -19.68
N ARG A 457 7.05 -15.62 -18.37
CA ARG A 457 6.09 -14.80 -17.62
C ARG A 457 6.47 -13.32 -17.70
N ILE A 458 5.50 -12.50 -18.08
CA ILE A 458 5.60 -11.06 -17.89
C ILE A 458 5.29 -10.77 -16.43
N ARG A 459 6.28 -10.26 -15.69
CA ARG A 459 6.19 -10.21 -14.24
C ARG A 459 4.97 -9.42 -13.79
N GLY A 460 4.17 -10.02 -12.90
CA GLY A 460 3.02 -9.34 -12.35
C GLY A 460 3.39 -8.45 -11.18
N VAL A 461 2.51 -7.48 -10.91
CA VAL A 461 2.81 -6.47 -9.89
C VAL A 461 3.05 -7.12 -8.52
N ILE A 462 2.17 -8.04 -8.13
CA ILE A 462 2.25 -8.61 -6.78
C ILE A 462 3.57 -9.36 -6.60
N GLU A 463 4.17 -9.86 -7.68
CA GLU A 463 5.51 -10.43 -7.62
C GLU A 463 6.60 -9.44 -7.98
N GLU A 464 6.26 -8.32 -8.64
CA GLU A 464 7.19 -7.21 -8.72
C GLU A 464 7.41 -6.57 -7.36
N ARG A 465 6.32 -6.36 -6.61
CA ARG A 465 6.37 -5.94 -5.22
C ARG A 465 6.56 -7.12 -4.27
N GLY A 466 7.13 -8.21 -4.76
CA GLY A 466 7.45 -9.35 -3.94
C GLY A 466 8.50 -9.09 -2.89
N PRO A 467 9.50 -8.24 -3.20
CA PRO A 467 10.55 -7.96 -2.21
C PRO A 467 10.00 -7.54 -0.85
N LEU A 468 8.95 -6.72 -0.83
CA LEU A 468 8.39 -6.22 0.43
C LEU A 468 7.74 -7.32 1.24
N ILE A 469 7.10 -8.28 0.58
CA ILE A 469 6.25 -9.24 1.28
C ILE A 469 7.06 -10.37 1.89
N ALA A 470 8.10 -10.84 1.20
CA ALA A 470 8.65 -12.17 1.46
C ALA A 470 10.17 -12.11 1.48
N LEU A 471 10.79 -13.26 1.22
CA LEU A 471 12.24 -13.43 1.33
C LEU A 471 13.01 -12.43 0.48
N GLY A 472 12.50 -12.07 -0.69
CA GLY A 472 13.26 -11.28 -1.64
C GLY A 472 13.37 -12.06 -2.93
N GLN A 473 13.55 -13.38 -2.81
CA GLN A 473 13.27 -14.27 -3.93
C GLN A 473 11.78 -14.32 -4.18
N GLU A 474 10.99 -14.23 -3.12
CA GLU A 474 9.53 -14.08 -3.16
C GLU A 474 8.89 -14.96 -4.25
N ASP A 475 9.02 -16.26 -4.07
CA ASP A 475 8.34 -17.25 -4.89
C ASP A 475 7.48 -18.22 -4.09
N ASP A 476 7.78 -18.44 -2.82
CA ASP A 476 7.01 -19.40 -2.03
C ASP A 476 5.57 -18.94 -1.85
N PHE A 477 5.36 -17.65 -1.60
CA PHE A 477 4.01 -17.13 -1.42
C PHE A 477 3.32 -16.84 -2.74
N ILE A 478 4.09 -16.52 -3.79
CA ILE A 478 3.48 -16.14 -5.07
C ILE A 478 2.71 -17.30 -5.66
N ARG A 479 3.33 -18.48 -5.73
CA ARG A 479 2.65 -19.64 -6.28
C ARG A 479 1.46 -20.04 -5.40
N THR A 480 1.61 -19.91 -4.08
CA THR A 480 0.55 -20.34 -3.17
C THR A 480 -0.77 -19.64 -3.46
N ILE A 481 -0.75 -18.35 -3.73
CA ILE A 481 -1.98 -17.64 -4.01
C ILE A 481 -2.45 -17.90 -5.45
N THR A 482 -1.51 -18.14 -6.37
CA THR A 482 -1.87 -18.40 -7.75
C THR A 482 -2.70 -19.68 -7.86
N LEU A 483 -2.27 -20.74 -7.17
CA LEU A 483 -2.93 -22.03 -7.28
C LEU A 483 -4.36 -21.97 -6.74
N GLN A 484 -4.52 -21.56 -5.48
CA GLN A 484 -5.83 -21.55 -4.86
C GLN A 484 -6.81 -20.68 -5.64
N ALA A 485 -6.32 -19.59 -6.22
CA ALA A 485 -7.17 -18.76 -7.07
C ALA A 485 -7.66 -19.55 -8.28
N ALA A 486 -6.78 -20.38 -8.85
CA ALA A 486 -7.19 -21.22 -9.97
C ALA A 486 -8.20 -22.27 -9.53
N SER A 487 -8.00 -22.84 -8.33
CA SER A 487 -8.94 -23.83 -7.82
C SER A 487 -10.37 -23.29 -7.73
N PHE A 488 -10.53 -21.98 -7.67
CA PHE A 488 -11.85 -21.36 -7.61
C PHE A 488 -12.31 -20.81 -8.96
N ALA A 489 -11.46 -20.87 -9.98
CA ALA A 489 -11.87 -20.53 -11.34
C ALA A 489 -12.31 -21.76 -12.12
N ASP A 490 -11.58 -22.87 -11.97
CA ASP A 490 -11.98 -24.10 -12.65
C ASP A 490 -13.27 -24.66 -12.06
N ASP A 491 -13.46 -24.52 -10.75
CA ASP A 491 -14.68 -24.98 -10.10
C ASP A 491 -15.84 -24.01 -10.31
N ASN A 492 -15.58 -22.80 -10.80
CA ASN A 492 -16.60 -21.91 -11.30
C ASN A 492 -16.64 -21.88 -12.83
N GLY A 493 -16.00 -22.85 -13.47
CA GLY A 493 -16.03 -22.95 -14.92
C GLY A 493 -15.42 -21.80 -15.68
N ARG A 494 -14.80 -20.84 -15.01
CA ARG A 494 -14.11 -19.74 -15.69
C ARG A 494 -12.78 -20.29 -16.23
N THR A 495 -12.90 -21.08 -17.29
CA THR A 495 -11.72 -21.75 -17.84
C THR A 495 -10.67 -20.75 -18.30
N THR A 496 -11.10 -19.68 -18.97
CA THR A 496 -10.16 -18.67 -19.44
C THR A 496 -9.30 -18.15 -18.29
N ASP A 497 -9.87 -18.05 -17.10
CA ASP A 497 -9.09 -17.70 -15.92
C ASP A 497 -8.27 -18.88 -15.42
N ALA A 498 -8.93 -20.01 -15.16
CA ALA A 498 -8.24 -21.18 -14.64
C ALA A 498 -7.07 -21.58 -15.52
N VAL A 499 -7.22 -21.43 -16.84
CA VAL A 499 -6.11 -21.69 -17.76
C VAL A 499 -4.95 -20.75 -17.47
N LEU A 500 -5.21 -19.45 -17.55
CA LEU A 500 -4.19 -18.43 -17.32
C LEU A 500 -3.42 -18.68 -16.02
N LEU A 501 -4.15 -18.94 -14.93
CA LEU A 501 -3.52 -19.16 -13.64
C LEU A 501 -2.66 -20.43 -13.64
N TYR A 502 -3.27 -21.57 -13.99
CA TYR A 502 -2.55 -22.83 -13.93
C TYR A 502 -1.30 -22.83 -14.79
N HIS A 503 -1.29 -22.04 -15.86
CA HIS A 503 -0.08 -21.91 -16.67
C HIS A 503 1.01 -21.17 -15.91
N LEU A 504 0.65 -20.10 -15.19
CA LEU A 504 1.65 -19.34 -14.45
C LEU A 504 2.29 -20.18 -13.36
N ALA A 505 1.51 -20.99 -12.67
CA ALA A 505 2.04 -21.90 -11.66
C ALA A 505 2.80 -23.09 -12.28
N GLU A 506 3.02 -23.08 -13.60
CA GLU A 506 3.87 -24.05 -14.28
C GLU A 506 3.34 -25.47 -14.17
N ASP A 507 2.04 -25.63 -13.96
CA ASP A 507 1.39 -26.94 -14.04
C ASP A 507 0.67 -27.03 -15.41
N TYR A 508 1.50 -27.13 -16.45
CA TYR A 508 1.00 -27.04 -17.81
C TYR A 508 0.10 -28.21 -18.18
N ASP A 509 0.31 -29.37 -17.54
CA ASP A 509 -0.53 -30.53 -17.81
C ASP A 509 -1.98 -30.28 -17.40
N THR A 510 -2.18 -29.66 -16.23
CA THR A 510 -3.53 -29.38 -15.78
C THR A 510 -4.24 -28.42 -16.72
N VAL A 511 -3.53 -27.40 -17.21
CA VAL A 511 -4.09 -26.51 -18.22
C VAL A 511 -4.61 -27.31 -19.40
N VAL A 512 -3.84 -28.31 -19.84
CA VAL A 512 -4.23 -29.11 -20.99
C VAL A 512 -5.48 -29.90 -20.69
N SER A 513 -5.60 -30.41 -19.45
CA SER A 513 -6.81 -31.13 -19.07
C SER A 513 -8.05 -30.24 -19.16
N ILE A 514 -7.89 -28.93 -18.94
CA ILE A 514 -9.05 -28.03 -18.97
C ILE A 514 -9.37 -27.60 -20.39
N VAL A 515 -8.36 -27.20 -21.15
CA VAL A 515 -8.60 -26.76 -22.54
C VAL A 515 -9.22 -27.90 -23.34
N SER A 516 -8.79 -29.13 -23.07
CA SER A 516 -9.38 -30.29 -23.72
C SER A 516 -10.82 -30.49 -23.28
N ARG A 517 -11.05 -30.45 -21.96
CA ARG A 517 -12.40 -30.63 -21.44
C ARG A 517 -13.37 -29.62 -22.05
N ALA A 518 -13.00 -28.34 -22.06
CA ALA A 518 -13.80 -27.33 -22.73
C ALA A 518 -13.98 -27.65 -24.20
N LEU A 519 -12.98 -28.31 -24.80
CA LEU A 519 -13.06 -28.65 -26.22
C LEU A 519 -13.90 -29.91 -26.45
N SER A 520 -13.81 -30.88 -25.52
CA SER A 520 -14.68 -32.04 -25.59
C SER A 520 -16.15 -31.65 -25.54
N GLU A 521 -16.49 -30.69 -24.68
CA GLU A 521 -17.85 -30.18 -24.61
C GLU A 521 -18.20 -29.27 -25.79
N ALA A 522 -17.19 -28.68 -26.45
CA ALA A 522 -17.45 -27.86 -27.62
C ALA A 522 -17.90 -28.71 -28.79
N ILE A 523 -17.26 -29.87 -28.99
CA ILE A 523 -17.62 -30.76 -30.09
C ILE A 523 -18.88 -31.55 -29.76
N SER A 524 -19.04 -31.93 -28.48
CA SER A 524 -20.19 -32.72 -28.06
C SER A 524 -21.52 -32.01 -28.30
N LEU A 525 -21.51 -30.76 -28.75
CA LEU A 525 -22.74 -30.08 -29.07
C LEU A 525 -23.36 -30.65 -30.33
N GLU A 526 -24.65 -30.39 -30.49
CA GLU A 526 -25.37 -30.76 -31.70
C GLU A 526 -25.14 -29.70 -32.78
N ILE A 527 -25.46 -30.09 -34.00
CA ILE A 527 -25.07 -29.32 -35.18
C ILE A 527 -25.98 -28.12 -35.34
N GLY A 528 -25.38 -26.98 -35.68
CA GLY A 528 -26.09 -25.73 -35.83
C GLY A 528 -26.57 -25.09 -34.54
N GLU A 529 -26.31 -25.71 -33.39
CA GLU A 529 -26.68 -25.13 -32.11
C GLU A 529 -25.83 -23.89 -31.82
N ASP A 530 -26.29 -23.09 -30.86
CA ASP A 530 -25.55 -21.92 -30.40
C ASP A 530 -24.10 -22.30 -30.10
N PRO A 531 -23.11 -21.64 -30.71
CA PRO A 531 -21.72 -22.01 -30.45
C PRO A 531 -21.38 -21.84 -28.98
N MSE A 532 -20.41 -22.63 -28.53
CA MSE A 532 -19.90 -22.44 -27.17
C MSE A 532 -19.08 -21.16 -27.15
O MSE A 532 -18.35 -20.87 -28.09
CB MSE A 532 -19.04 -23.62 -26.71
CG MSE A 532 -18.50 -23.42 -25.29
SE MSE A 532 -17.62 -24.97 -24.53
CE MSE A 532 -19.11 -26.21 -24.60
H MSE A 532 -20.04 -23.28 -28.96
HA MSE A 532 -20.64 -22.36 -26.56
HB2 MSE A 532 -19.57 -24.43 -26.71
HB3 MSE A 532 -18.28 -23.72 -27.31
HG2 MSE A 532 -17.85 -22.69 -25.32
HG3 MSE A 532 -19.25 -23.18 -24.72
HE1 MSE A 532 -18.83 -27.07 -24.24
HE2 MSE A 532 -19.85 -25.86 -24.07
HE3 MSE A 532 -19.39 -26.32 -25.52
N ARG A 533 -19.22 -20.41 -26.06
CA ARG A 533 -18.50 -19.16 -25.90
C ARG A 533 -18.19 -18.98 -24.42
N LEU A 534 -16.94 -18.61 -24.13
CA LEU A 534 -16.46 -18.54 -22.76
C LEU A 534 -16.14 -17.10 -22.38
N ILE A 535 -16.26 -16.83 -21.08
CA ILE A 535 -16.03 -15.50 -20.53
C ILE A 535 -14.53 -15.22 -20.59
N PRO A 536 -14.08 -14.22 -21.38
CA PRO A 536 -12.63 -14.03 -21.55
C PRO A 536 -11.95 -13.48 -20.31
N VAL A 537 -10.66 -13.15 -20.43
CA VAL A 537 -9.84 -12.75 -19.29
C VAL A 537 -9.87 -11.23 -19.16
N LYS A 538 -9.65 -10.76 -17.94
CA LYS A 538 -9.53 -9.32 -17.69
C LYS A 538 -8.26 -8.81 -18.34
N PRO A 539 -8.34 -7.85 -19.27
CA PRO A 539 -7.13 -7.39 -19.96
C PRO A 539 -6.19 -6.65 -19.01
N ARG A 540 -4.99 -6.36 -19.53
CA ARG A 540 -3.97 -5.64 -18.77
C ARG A 540 -4.14 -4.13 -18.94
N VAL A 541 -3.83 -3.63 -20.14
CA VAL A 541 -3.93 -2.20 -20.43
C VAL A 541 -5.23 -1.95 -21.18
N THR A 542 -5.91 -0.85 -20.85
CA THR A 542 -7.25 -0.57 -21.37
C THR A 542 -7.37 0.90 -21.72
N ASN A 543 -7.56 1.17 -23.01
CA ASN A 543 -8.03 2.48 -23.46
C ASN A 543 -8.76 2.27 -24.78
N ALA A 544 -10.03 2.67 -24.84
CA ALA A 544 -10.88 2.32 -25.98
C ALA A 544 -10.58 3.17 -27.20
N GLU A 545 -10.36 4.48 -27.02
CA GLU A 545 -10.29 5.42 -28.13
C GLU A 545 -9.04 6.29 -27.99
N GLY A 546 -8.21 6.29 -29.03
CA GLY A 546 -7.18 7.29 -29.20
C GLY A 546 -5.85 6.99 -28.53
N GLN A 547 -5.75 5.93 -27.73
CA GLN A 547 -4.52 5.64 -27.00
C GLN A 547 -4.22 4.15 -27.09
N VAL A 548 -3.02 3.81 -27.56
CA VAL A 548 -2.49 2.45 -27.54
C VAL A 548 -1.29 2.43 -26.61
N GLU A 549 -1.25 1.45 -25.72
CA GLU A 549 -0.23 1.37 -24.67
C GLU A 549 0.55 0.08 -24.80
N GLU A 550 1.85 0.20 -25.07
CA GLU A 550 2.81 -0.88 -24.90
C GLU A 550 2.44 -2.15 -25.64
N ALA A 551 1.44 -2.11 -26.51
CA ALA A 551 0.93 -3.35 -27.09
C ALA A 551 -0.08 -3.04 -28.19
N ALA A 552 -0.29 -4.03 -29.05
CA ALA A 552 -1.42 -4.13 -29.95
C ALA A 552 -2.16 -5.43 -29.61
N PRO A 553 -3.42 -5.57 -30.00
CA PRO A 553 -4.16 -6.81 -29.68
C PRO A 553 -3.43 -8.03 -30.22
N GLY A 554 -3.09 -8.94 -29.30
CA GLY A 554 -2.27 -10.09 -29.62
C GLY A 554 -0.86 -10.00 -29.09
N SER A 555 -0.46 -8.86 -28.54
CA SER A 555 0.83 -8.76 -27.86
C SER A 555 0.95 -9.83 -26.79
N SER A 556 -0.13 -10.09 -26.07
CA SER A 556 -0.21 -11.19 -25.12
C SER A 556 -1.65 -11.65 -25.06
N LEU A 557 -1.88 -12.78 -24.38
CA LEU A 557 -3.22 -13.35 -24.32
C LEU A 557 -4.21 -12.40 -23.68
N SER A 558 -3.76 -11.57 -22.74
CA SER A 558 -4.66 -10.61 -22.10
C SER A 558 -5.34 -9.69 -23.10
N LEU A 559 -4.75 -9.51 -24.27
CA LEU A 559 -5.29 -8.66 -25.32
C LEU A 559 -5.79 -9.46 -26.52
N ALA A 560 -5.93 -10.77 -26.38
CA ALA A 560 -6.29 -11.63 -27.51
C ALA A 560 -7.79 -11.75 -27.72
N ALA A 561 -8.60 -11.46 -26.70
CA ALA A 561 -10.06 -11.53 -26.80
C ALA A 561 -10.56 -12.96 -27.04
N ILE A 562 -9.80 -13.94 -26.57
CA ILE A 562 -10.17 -15.34 -26.79
C ILE A 562 -11.45 -15.64 -26.01
N ASP A 563 -12.51 -16.02 -26.75
CA ASP A 563 -13.79 -16.38 -26.15
C ASP A 563 -14.37 -17.66 -26.75
N ASP A 564 -13.53 -18.50 -27.37
CA ASP A 564 -13.98 -19.74 -28.00
C ASP A 564 -12.99 -20.84 -27.62
N PRO A 565 -13.47 -21.99 -27.10
CA PRO A 565 -12.54 -23.03 -26.65
C PRO A 565 -11.72 -23.64 -27.78
N VAL A 566 -12.19 -23.58 -29.03
CA VAL A 566 -11.36 -24.03 -30.14
C VAL A 566 -10.12 -23.15 -30.26
N GLU A 567 -10.33 -21.83 -30.27
CA GLU A 567 -9.22 -20.90 -30.43
C GLU A 567 -8.30 -20.91 -29.22
N LEU A 568 -8.86 -21.17 -28.03
CA LEU A 568 -8.03 -21.30 -26.83
C LEU A 568 -7.10 -22.50 -26.94
N ALA A 569 -7.68 -23.70 -27.15
CA ALA A 569 -6.87 -24.91 -27.26
C ALA A 569 -5.87 -24.81 -28.40
N LYS A 570 -6.25 -24.14 -29.49
CA LYS A 570 -5.33 -23.95 -30.61
C LYS A 570 -4.10 -23.18 -30.17
N ALA A 571 -4.31 -22.10 -29.42
CA ALA A 571 -3.20 -21.22 -29.04
C ALA A 571 -2.23 -21.93 -28.09
N MSE A 572 -2.74 -22.42 -26.96
CA MSE A 572 -1.92 -23.10 -25.96
C MSE A 572 -1.07 -24.19 -26.59
O MSE A 572 0.15 -24.24 -26.40
CB MSE A 572 -2.79 -23.72 -24.86
CG MSE A 572 -3.65 -22.72 -24.09
SE MSE A 572 -2.62 -21.42 -23.06
CE MSE A 572 -2.72 -19.92 -24.31
H MSE A 572 -3.57 -22.38 -26.75
HA MSE A 572 -1.33 -22.44 -25.54
HB2 MSE A 572 -3.38 -24.37 -25.27
HB3 MSE A 572 -2.21 -24.16 -24.22
HG2 MSE A 572 -4.21 -22.23 -24.72
HG3 MSE A 572 -4.21 -23.22 -23.46
HE1 MSE A 572 -2.24 -19.17 -23.93
HE2 MSE A 572 -2.32 -20.18 -25.14
HE3 MSE A 572 -3.65 -19.68 -24.44
N MSE A 573 -1.71 -25.07 -27.35
CA MSE A 573 -1.03 -26.16 -28.02
C MSE A 573 -0.06 -25.61 -29.06
O MSE A 573 0.95 -26.24 -29.37
CB MSE A 573 -2.03 -27.11 -28.66
CG MSE A 573 -2.91 -27.85 -27.65
SE MSE A 573 -1.88 -28.94 -26.41
CE MSE A 573 -1.14 -30.22 -27.68
H MSE A 573 -2.56 -25.06 -27.48
HA MSE A 573 -0.52 -26.66 -27.36
HB2 MSE A 573 -2.61 -26.61 -29.24
HB3 MSE A 573 -1.54 -27.79 -29.17
HG2 MSE A 573 -3.40 -27.19 -27.13
HG3 MSE A 573 -3.51 -28.42 -28.13
HE1 MSE A 573 -0.58 -30.86 -27.21
HE2 MSE A 573 -1.88 -30.68 -28.12
HE3 MSE A 573 -0.61 -29.74 -28.34
N GLY A 574 -0.39 -24.45 -29.61
CA GLY A 574 0.54 -23.75 -30.49
C GLY A 574 1.87 -23.52 -29.79
N MSE A 575 1.85 -22.79 -28.69
CA MSE A 575 3.04 -22.52 -27.90
C MSE A 575 3.67 -23.81 -27.38
O MSE A 575 4.87 -24.03 -27.53
CB MSE A 575 2.71 -21.63 -26.70
CG MSE A 575 2.13 -20.27 -27.04
SE MSE A 575 1.59 -19.35 -25.41
CE MSE A 575 0.65 -17.84 -26.19
H MSE A 575 1.13 -22.41 -28.38
HA MSE A 575 3.68 -22.06 -28.45
HB2 MSE A 575 2.07 -22.09 -26.14
HB3 MSE A 575 3.53 -21.47 -26.20
HG2 MSE A 575 2.79 -19.73 -27.49
HG3 MSE A 575 1.34 -20.39 -27.59
HE1 MSE A 575 0.32 -17.27 -25.48
HE2 MSE A 575 1.27 -17.34 -26.75
HE3 MSE A 575 -0.08 -18.16 -26.72
N TYR A 576 2.83 -24.65 -26.76
CA TYR A 576 3.33 -25.84 -26.09
C TYR A 576 4.05 -26.77 -27.07
N GLU A 577 3.57 -26.85 -28.32
CA GLU A 577 4.12 -27.81 -29.27
C GLU A 577 5.42 -27.32 -29.89
N ARG A 578 5.47 -26.05 -30.29
CA ARG A 578 6.65 -25.54 -30.97
C ARG A 578 7.78 -25.13 -30.03
N ASP A 579 7.58 -25.25 -28.72
CA ASP A 579 8.63 -25.03 -27.74
C ASP A 579 8.84 -26.34 -26.98
N HIS A 580 10.07 -26.87 -27.06
CA HIS A 580 10.34 -28.19 -26.50
C HIS A 580 10.43 -28.19 -24.97
N MSE A 581 10.65 -27.03 -24.35
CA MSE A 581 10.77 -26.98 -22.89
C MSE A 581 9.41 -27.12 -22.22
O MSE A 581 9.29 -27.79 -21.20
CB MSE A 581 11.45 -25.68 -22.44
CG MSE A 581 10.65 -24.41 -22.70
SE MSE A 581 11.46 -22.83 -21.88
CE MSE A 581 11.07 -23.21 -20.01
H MSE A 581 10.73 -26.27 -24.74
HA MSE A 581 11.34 -27.72 -22.61
HB2 MSE A 581 11.62 -25.73 -21.49
HB3 MSE A 581 12.29 -25.60 -22.91
HG2 MSE A 581 10.59 -24.26 -23.65
HG3 MSE A 581 9.77 -24.52 -22.32
HE1 MSE A 581 11.42 -22.49 -19.46
HE2 MSE A 581 10.11 -23.28 -19.90
HE3 MSE A 581 11.49 -24.05 -19.76
N PHE A 582 8.39 -26.50 -22.80
CA PHE A 582 7.02 -26.71 -22.33
C PHE A 582 6.54 -28.09 -22.73
N TRP A 583 6.73 -28.46 -24.00
CA TRP A 583 6.24 -29.73 -24.52
C TRP A 583 6.60 -30.89 -23.60
N GLN A 584 7.84 -30.93 -23.10
CA GLN A 584 8.31 -32.09 -22.36
C GLN A 584 7.74 -32.17 -20.95
N LYS A 585 7.06 -31.14 -20.47
CA LYS A 585 6.43 -31.16 -19.16
C LYS A 585 4.97 -31.62 -19.21
N ILE A 586 4.39 -31.70 -20.41
CA ILE A 586 3.02 -32.16 -20.62
C ILE A 586 3.08 -33.64 -20.95
N ARG A 587 2.32 -34.45 -20.20
CA ARG A 587 2.41 -35.89 -20.33
C ARG A 587 1.67 -36.38 -21.58
N GLU A 588 2.03 -37.60 -22.00
CA GLU A 588 1.60 -38.11 -23.30
C GLU A 588 0.08 -38.14 -23.47
N PRO A 589 -0.68 -38.85 -22.62
CA PRO A 589 -2.13 -38.99 -22.88
C PRO A 589 -2.84 -37.66 -23.05
N ASN A 590 -2.52 -36.66 -22.23
CA ASN A 590 -3.24 -35.39 -22.27
C ASN A 590 -2.89 -34.59 -23.52
N ARG A 591 -1.62 -34.61 -23.95
CA ARG A 591 -1.23 -33.81 -25.10
C ARG A 591 -1.80 -34.39 -26.40
N VAL A 592 -1.78 -35.71 -26.54
CA VAL A 592 -2.37 -36.34 -27.71
C VAL A 592 -3.89 -36.17 -27.69
N ALA A 593 -4.53 -36.60 -26.60
CA ALA A 593 -5.96 -36.48 -26.42
C ALA A 593 -6.46 -35.09 -26.80
N CYS A 594 -5.65 -34.07 -26.52
CA CYS A 594 -5.99 -32.72 -26.95
C CYS A 594 -5.88 -32.60 -28.47
N SER A 595 -4.76 -33.05 -29.03
CA SER A 595 -4.54 -32.93 -30.47
C SER A 595 -5.60 -33.68 -31.26
N VAL A 596 -6.19 -34.73 -30.69
CA VAL A 596 -7.28 -35.44 -31.32
C VAL A 596 -8.48 -34.51 -31.48
N LEU A 597 -8.97 -33.97 -30.36
CA LEU A 597 -10.08 -33.04 -30.38
C LEU A 597 -9.80 -31.84 -31.29
N LEU A 598 -8.53 -31.51 -31.52
CA LEU A 598 -8.21 -30.41 -32.42
C LEU A 598 -8.58 -30.75 -33.86
N GLN A 599 -8.50 -32.02 -34.23
CA GLN A 599 -8.98 -32.44 -35.54
C GLN A 599 -10.48 -32.69 -35.52
N MSE A 600 -10.96 -33.38 -34.49
CA MSE A 600 -12.40 -33.66 -34.32
C MSE A 600 -13.26 -32.42 -34.49
O MSE A 600 -14.28 -32.46 -35.18
CB MSE A 600 -12.66 -34.26 -32.94
CG MSE A 600 -12.08 -35.64 -32.70
SE MSE A 600 -12.92 -36.54 -31.20
CE MSE A 600 -14.75 -36.58 -31.86
H MSE A 600 -10.48 -33.71 -33.86
HA MSE A 600 -12.66 -34.33 -34.98
HB2 MSE A 600 -12.29 -33.67 -32.27
HB3 MSE A 600 -13.61 -34.32 -32.81
HG2 MSE A 600 -12.22 -36.18 -33.50
HG3 MSE A 600 -11.13 -35.56 -32.52
HE1 MSE A 600 -15.32 -37.02 -31.21
HE2 MSE A 600 -15.05 -35.68 -32.01
HE3 MSE A 600 -14.78 -37.09 -32.70
N ALA A 601 -12.87 -31.33 -33.84
CA ALA A 601 -13.57 -30.07 -34.06
C ALA A 601 -13.42 -29.61 -35.51
N ASP A 602 -12.22 -29.77 -36.07
CA ASP A 602 -12.03 -29.49 -37.49
C ASP A 602 -12.90 -30.39 -38.35
N ILE A 603 -13.18 -31.60 -37.87
CA ILE A 603 -14.07 -32.51 -38.59
C ILE A 603 -15.52 -32.03 -38.48
N LYS A 604 -16.00 -31.82 -37.25
CA LYS A 604 -17.36 -31.33 -37.04
C LYS A 604 -17.65 -30.09 -37.85
N SER A 605 -16.64 -29.24 -38.08
CA SER A 605 -16.81 -28.07 -38.93
C SER A 605 -16.88 -28.42 -40.40
N LEU A 606 -16.32 -29.56 -40.82
CA LEU A 606 -16.46 -29.99 -42.21
C LEU A 606 -17.85 -30.53 -42.49
N VAL A 607 -18.49 -31.14 -41.49
CA VAL A 607 -19.84 -31.64 -41.64
C VAL A 607 -20.85 -30.50 -41.53
N GLU A 608 -20.66 -29.62 -40.53
CA GLU A 608 -21.43 -28.38 -40.49
C GLU A 608 -21.43 -27.70 -41.85
N GLN A 609 -20.29 -27.72 -42.54
CA GLN A 609 -20.23 -27.23 -43.92
C GLN A 609 -20.95 -28.18 -44.86
N GLY A 610 -20.63 -29.48 -44.77
CA GLY A 610 -21.23 -30.48 -45.63
C GLY A 610 -20.31 -30.94 -46.74
N ARG A 611 -19.01 -31.02 -46.45
CA ARG A 611 -18.01 -31.53 -47.38
C ARG A 611 -17.68 -32.96 -46.96
N TRP A 612 -18.07 -33.94 -47.80
CA TRP A 612 -18.05 -35.33 -47.38
C TRP A 612 -16.67 -35.95 -47.55
N ALA A 613 -16.07 -35.81 -48.74
CA ALA A 613 -14.81 -36.50 -49.03
C ALA A 613 -13.68 -36.00 -48.14
N GLU A 614 -13.60 -34.67 -47.93
CA GLU A 614 -12.55 -34.13 -47.07
C GLU A 614 -12.69 -34.64 -45.65
N CYS A 615 -13.92 -34.58 -45.12
CA CYS A 615 -14.17 -35.01 -43.74
C CYS A 615 -13.79 -36.47 -43.54
N LEU A 616 -14.07 -37.32 -44.52
CA LEU A 616 -13.75 -38.74 -44.39
C LEU A 616 -12.25 -38.98 -44.42
N ASP A 617 -11.46 -38.09 -45.03
CA ASP A 617 -10.02 -38.22 -44.98
C ASP A 617 -9.48 -37.85 -43.60
N LYS A 618 -10.05 -36.81 -42.98
CA LYS A 618 -9.72 -36.49 -41.60
C LYS A 618 -9.92 -37.69 -40.69
N ILE A 619 -11.12 -38.27 -40.73
CA ILE A 619 -11.44 -39.41 -39.86
C ILE A 619 -10.50 -40.58 -40.14
N ARG A 620 -10.12 -40.75 -41.42
CA ARG A 620 -9.18 -41.81 -41.77
C ARG A 620 -7.82 -41.57 -41.13
N ALA A 621 -7.39 -40.31 -41.09
CA ALA A 621 -6.08 -39.99 -40.52
C ALA A 621 -6.08 -40.14 -39.00
N LEU A 622 -7.20 -39.82 -38.35
CA LEU A 622 -7.32 -40.06 -36.92
C LEU A 622 -6.99 -41.50 -36.55
N ASP A 623 -7.32 -42.45 -37.43
CA ASP A 623 -6.99 -43.86 -37.22
C ASP A 623 -7.68 -44.41 -35.98
N ILE A 624 -8.84 -43.85 -35.62
CA ILE A 624 -9.60 -44.34 -34.47
C ILE A 624 -10.53 -45.47 -34.89
N LEU A 625 -11.08 -45.39 -36.09
CA LEU A 625 -12.09 -46.32 -36.57
C LEU A 625 -11.54 -47.18 -37.71
N PRO A 626 -12.18 -48.33 -37.98
CA PRO A 626 -11.66 -49.26 -39.01
C PRO A 626 -12.19 -48.94 -40.40
N LEU A 627 -11.89 -47.72 -40.87
CA LEU A 627 -12.36 -47.31 -42.20
C LEU A 627 -11.61 -48.05 -43.29
N THR A 628 -10.30 -48.16 -43.16
CA THR A 628 -9.49 -48.92 -44.11
C THR A 628 -9.60 -50.42 -43.89
N ALA A 629 -10.55 -50.87 -43.07
CA ALA A 629 -10.70 -52.31 -42.82
C ALA A 629 -11.01 -53.05 -44.10
N ARG A 630 -11.76 -52.44 -45.01
CA ARG A 630 -12.25 -53.09 -46.22
C ARG A 630 -13.18 -54.26 -45.90
N GLY A 631 -13.68 -54.32 -44.67
CA GLY A 631 -14.78 -55.20 -44.31
C GLY A 631 -14.41 -56.57 -43.83
N ASP A 632 -13.13 -56.86 -43.56
CA ASP A 632 -12.74 -58.15 -43.03
C ASP A 632 -12.78 -58.09 -41.50
N PRO A 633 -13.71 -58.80 -40.83
CA PRO A 633 -13.86 -58.65 -39.37
C PRO A 633 -12.57 -58.76 -38.56
N GLY A 634 -11.51 -59.29 -39.16
CA GLY A 634 -10.24 -59.40 -38.47
C GLY A 634 -9.71 -58.06 -37.99
N THR A 635 -9.52 -57.12 -38.92
CA THR A 635 -8.97 -55.82 -38.54
C THR A 635 -9.96 -55.01 -37.70
N ILE A 636 -11.26 -55.22 -37.90
CA ILE A 636 -12.27 -54.48 -37.14
C ILE A 636 -12.22 -54.88 -35.67
N ARG A 637 -12.07 -56.17 -35.39
CA ARG A 637 -11.95 -56.63 -34.02
C ARG A 637 -10.74 -56.02 -33.33
N SER A 638 -9.66 -55.76 -34.09
CA SER A 638 -8.47 -55.15 -33.50
C SER A 638 -8.72 -53.68 -33.17
N TYR A 639 -9.43 -52.96 -34.03
CA TYR A 639 -9.71 -51.56 -33.78
C TYR A 639 -10.59 -51.38 -32.54
N ALA A 640 -11.50 -52.33 -32.28
CA ALA A 640 -12.39 -52.22 -31.13
C ALA A 640 -11.68 -52.54 -29.82
N ALA A 641 -10.62 -53.34 -29.87
CA ALA A 641 -9.85 -53.65 -28.67
C ALA A 641 -9.09 -52.44 -28.14
N ARG A 642 -8.83 -51.44 -28.99
CA ARG A 642 -8.07 -50.25 -28.61
C ARG A 642 -8.97 -49.10 -28.18
N PHE A 643 -10.13 -49.40 -27.62
CA PHE A 643 -11.07 -48.38 -27.15
C PHE A 643 -10.70 -47.91 -25.74
N PRO A 644 -10.23 -48.79 -24.85
CA PRO A 644 -9.84 -48.32 -23.51
C PRO A 644 -8.78 -47.24 -23.52
N SER A 645 -7.72 -47.40 -24.32
CA SER A 645 -6.63 -46.44 -24.36
C SER A 645 -7.09 -45.03 -24.73
N LEU A 646 -8.31 -44.86 -25.24
CA LEU A 646 -8.81 -43.54 -25.55
C LEU A 646 -8.99 -42.72 -24.29
N ALA A 647 -8.76 -41.42 -24.40
CA ALA A 647 -8.96 -40.51 -23.28
C ALA A 647 -10.43 -40.19 -23.12
N GLN A 648 -10.80 -39.86 -21.88
CA GLN A 648 -12.18 -39.48 -21.58
C GLN A 648 -12.73 -38.38 -22.49
N PRO A 649 -12.06 -37.25 -22.68
CA PRO A 649 -12.67 -36.18 -23.48
C PRO A 649 -12.84 -36.53 -24.94
N VAL A 650 -12.15 -37.57 -25.43
CA VAL A 650 -12.32 -38.06 -26.79
C VAL A 650 -13.39 -39.14 -26.79
N ALA A 651 -13.18 -40.16 -25.96
CA ALA A 651 -14.03 -41.36 -25.99
C ALA A 651 -15.51 -41.00 -25.99
N ILE A 652 -15.90 -39.96 -25.24
CA ILE A 652 -17.32 -39.64 -25.12
C ILE A 652 -17.86 -39.13 -26.45
N ASN A 653 -17.02 -38.53 -27.29
CA ASN A 653 -17.44 -37.96 -28.57
C ASN A 653 -17.26 -38.94 -29.72
N VAL A 654 -16.99 -40.21 -29.45
CA VAL A 654 -16.87 -41.21 -30.51
C VAL A 654 -18.26 -41.47 -31.08
N PRO A 655 -19.30 -41.67 -30.24
CA PRO A 655 -20.67 -41.78 -30.76
C PRO A 655 -21.03 -40.71 -31.78
N ASN A 656 -20.61 -39.48 -31.55
CA ASN A 656 -20.79 -38.45 -32.56
C ASN A 656 -19.89 -38.70 -33.76
N LEU A 657 -18.67 -39.16 -33.52
CA LEU A 657 -17.74 -39.42 -34.60
C LEU A 657 -18.26 -40.52 -35.53
N LEU A 658 -18.65 -41.66 -34.95
CA LEU A 658 -19.21 -42.76 -35.73
C LEU A 658 -20.36 -42.28 -36.60
N MSE A 659 -21.29 -41.53 -35.99
CA MSE A 659 -22.46 -41.01 -36.69
C MSE A 659 -22.07 -40.08 -37.83
O MSE A 659 -22.62 -40.16 -38.92
CB MSE A 659 -23.37 -40.28 -35.71
CG MSE A 659 -24.66 -39.73 -36.31
SE MSE A 659 -25.86 -41.10 -36.98
CE MSE A 659 -26.26 -42.05 -35.33
H MSE A 659 -21.26 -41.30 -35.16
HA MSE A 659 -22.95 -41.76 -37.07
HB2 MSE A 659 -23.64 -40.92 -35.01
HB3 MSE A 659 -22.89 -39.55 -35.32
HG2 MSE A 659 -25.14 -39.23 -35.63
HG3 MSE A 659 -24.42 -39.15 -37.05
HE1 MSE A 659 -26.87 -42.78 -35.51
HE2 MSE A 659 -25.44 -42.39 -34.94
HE3 MSE A 659 -26.67 -41.43 -34.70
N TRP A 660 -21.12 -39.17 -37.56
CA TRP A 660 -20.65 -38.28 -38.62
C TRP A 660 -20.01 -39.08 -39.75
N THR A 661 -19.24 -40.10 -39.41
CA THR A 661 -18.48 -40.84 -40.42
C THR A 661 -19.40 -41.51 -41.43
N VAL A 662 -20.51 -42.10 -40.97
CA VAL A 662 -21.47 -42.69 -41.89
C VAL A 662 -22.09 -41.62 -42.78
N LEU A 663 -22.47 -40.49 -42.18
CA LEU A 663 -23.12 -39.42 -42.94
C LEU A 663 -22.26 -38.96 -44.11
N CYS A 664 -20.93 -39.07 -43.99
CA CYS A 664 -20.07 -38.75 -45.12
C CYS A 664 -20.01 -39.91 -46.10
N CYS A 665 -20.07 -41.14 -45.60
CA CYS A 665 -20.09 -42.29 -46.48
C CYS A 665 -21.42 -42.37 -47.25
N MSE A 666 -22.52 -42.01 -46.60
CA MSE A 666 -23.84 -42.07 -47.23
C MSE A 666 -24.09 -40.92 -48.19
O MSE A 666 -24.69 -41.10 -49.25
CB MSE A 666 -24.93 -42.09 -46.17
CG MSE A 666 -25.04 -43.40 -45.40
SE MSE A 666 -25.56 -44.91 -46.51
CE MSE A 666 -23.78 -45.57 -46.99
H MSE A 666 -22.54 -41.72 -45.78
HA MSE A 666 -23.90 -42.91 -47.72
HB2 MSE A 666 -24.76 -41.38 -45.53
HB3 MSE A 666 -25.78 -41.93 -46.60
HG2 MSE A 666 -24.19 -43.59 -44.99
HG3 MSE A 666 -25.72 -43.29 -44.70
HE1 MSE A 666 -23.87 -46.35 -47.56
HE2 MSE A 666 -23.29 -44.88 -47.45
HE3 MSE A 666 -23.31 -45.82 -46.17
N ARG A 667 -23.62 -39.72 -47.83
CA ARG A 667 -23.86 -38.56 -48.67
C ARG A 667 -22.94 -38.54 -49.89
N GLN A 668 -21.69 -38.98 -49.73
CA GLN A 668 -20.83 -39.13 -50.89
C GLN A 668 -21.24 -40.31 -51.74
N ARG A 669 -21.88 -41.32 -51.14
CA ARG A 669 -22.45 -42.42 -51.91
C ARG A 669 -23.61 -41.93 -52.77
N GLU A 670 -24.51 -41.13 -52.18
CA GLU A 670 -25.57 -40.51 -52.96
C GLU A 670 -25.03 -39.48 -53.93
N ARG A 671 -24.11 -38.63 -53.47
CA ARG A 671 -23.50 -37.64 -54.35
C ARG A 671 -22.76 -38.30 -55.50
N LEU A 672 -22.27 -39.53 -55.30
CA LEU A 672 -21.65 -40.26 -56.40
C LEU A 672 -22.67 -40.63 -57.46
N ALA A 673 -23.91 -40.94 -57.05
CA ALA A 673 -24.92 -41.40 -58.00
C ALA A 673 -25.07 -40.44 -59.18
N GLY A 674 -24.93 -39.14 -58.92
CA GLY A 674 -25.03 -38.13 -59.96
C GLY A 674 -23.71 -37.59 -60.44
N GLY A 675 -23.15 -36.63 -59.70
CA GLY A 675 -21.94 -35.94 -60.10
C GLY A 675 -20.66 -36.71 -59.81
N GLN A 676 -19.93 -37.08 -60.86
CA GLN A 676 -18.72 -37.87 -60.73
C GLN A 676 -17.61 -37.29 -61.59
N ASN A 680 -13.88 -44.72 -64.89
CA ASN A 680 -14.94 -43.74 -64.65
C ASN A 680 -16.09 -44.36 -63.86
N GLU A 681 -17.17 -44.73 -64.54
CA GLU A 681 -18.35 -45.25 -63.85
C GLU A 681 -18.04 -46.55 -63.12
N SER A 682 -17.15 -47.40 -63.66
CA SER A 682 -16.79 -48.63 -62.98
C SER A 682 -16.04 -48.33 -61.69
N THR A 683 -15.07 -47.41 -61.74
CA THR A 683 -14.36 -47.02 -60.53
C THR A 683 -15.28 -46.25 -59.58
N ALA A 684 -16.27 -45.53 -60.11
CA ALA A 684 -17.25 -44.88 -59.26
C ALA A 684 -18.18 -45.87 -58.59
N ARG A 685 -18.29 -47.09 -59.14
CA ARG A 685 -19.13 -48.12 -58.53
C ARG A 685 -18.39 -48.83 -57.40
N LEU A 686 -17.08 -49.03 -57.55
CA LEU A 686 -16.31 -49.67 -56.50
C LEU A 686 -16.22 -48.78 -55.26
N MSE A 687 -16.00 -47.48 -55.47
CA MSE A 687 -16.06 -46.53 -54.37
C MSE A 687 -17.43 -46.60 -53.71
O MSE A 687 -17.53 -46.68 -52.48
CB MSE A 687 -15.79 -45.10 -54.88
CG MSE A 687 -14.37 -44.85 -55.38
SE MSE A 687 -14.13 -43.01 -55.98
CE MSE A 687 -12.46 -43.21 -56.97
H MSE A 687 -15.81 -47.14 -56.23
HA MSE A 687 -15.37 -46.74 -53.72
HB2 MSE A 687 -16.40 -44.91 -55.60
HB3 MSE A 687 -15.94 -44.48 -54.15
HG2 MSE A 687 -13.74 -45.02 -54.66
HG3 MSE A 687 -14.19 -45.45 -56.13
HE1 MSE A 687 -12.22 -42.35 -57.34
HE2 MSE A 687 -11.78 -43.53 -56.37
HE3 MSE A 687 -12.59 -43.86 -57.69
N MSE A 688 -18.46 -46.56 -54.52
CA MSE A 688 -19.85 -46.59 -54.06
C MSE A 688 -20.11 -47.84 -53.21
O MSE A 688 -20.90 -47.79 -52.27
CB MSE A 688 -20.80 -46.55 -55.26
CG MSE A 688 -22.16 -45.95 -54.98
SE MSE A 688 -22.90 -45.10 -56.59
CE MSE A 688 -24.78 -45.00 -56.02
H MSE A 688 -18.40 -46.51 -55.39
HA MSE A 688 -20.01 -45.80 -53.51
HB2 MSE A 688 -20.39 -46.03 -55.96
HB3 MSE A 688 -20.94 -47.46 -55.57
HG2 MSE A 688 -22.77 -46.64 -54.70
HG3 MSE A 688 -22.07 -45.27 -54.30
HE1 MSE A 688 -25.30 -44.59 -56.72
HE2 MSE A 688 -25.10 -45.90 -55.83
HE3 MSE A 688 -24.83 -44.46 -55.21
N ASP A 689 -19.42 -48.93 -53.56
CA ASP A 689 -19.54 -50.16 -52.78
C ASP A 689 -18.66 -50.10 -51.53
N GLU A 690 -17.43 -49.60 -51.67
CA GLU A 690 -16.54 -49.46 -50.52
C GLU A 690 -17.16 -48.55 -49.45
N LEU A 691 -17.70 -47.41 -49.88
CA LEU A 691 -18.37 -46.52 -48.94
C LEU A 691 -19.52 -47.24 -48.24
N LYS A 692 -20.19 -48.14 -48.93
CA LYS A 692 -21.24 -48.96 -48.32
C LYS A 692 -20.68 -50.07 -47.46
N GLN A 693 -19.44 -50.50 -47.71
CA GLN A 693 -18.82 -51.47 -46.83
C GLN A 693 -18.40 -50.82 -45.51
N MSE A 694 -17.88 -49.61 -45.58
CA MSE A 694 -17.49 -48.86 -44.39
C MSE A 694 -18.64 -48.71 -43.40
O MSE A 694 -18.47 -49.02 -42.21
CB MSE A 694 -16.97 -47.48 -44.79
CG MSE A 694 -15.66 -47.50 -45.53
SE MSE A 694 -15.11 -45.74 -46.15
CE MSE A 694 -13.35 -46.23 -46.82
H MSE A 694 -17.74 -49.18 -46.31
HA MSE A 694 -16.75 -49.33 -43.96
HB2 MSE A 694 -17.63 -47.05 -45.36
HB3 MSE A 694 -16.85 -46.95 -43.98
HG2 MSE A 694 -14.97 -47.83 -44.94
HG3 MSE A 694 -15.74 -48.08 -46.30
HE1 MSE A 694 -12.92 -45.44 -47.18
HE2 MSE A 694 -12.83 -46.59 -46.09
HE3 MSE A 694 -13.45 -46.90 -47.51
N THR A 695 -19.78 -48.23 -43.88
CA THR A 695 -20.94 -48.07 -43.00
C THR A 695 -21.33 -49.40 -42.38
N VAL A 696 -21.00 -50.50 -43.06
CA VAL A 696 -21.24 -51.83 -42.49
C VAL A 696 -20.10 -52.28 -41.58
N ASP A 697 -18.90 -51.73 -41.78
CA ASP A 697 -17.79 -52.04 -40.88
C ASP A 697 -17.97 -51.32 -39.54
N LEU A 698 -18.15 -49.99 -39.59
CA LEU A 698 -18.45 -49.25 -38.38
C LEU A 698 -19.67 -49.80 -37.66
N MSE A 699 -20.62 -50.36 -38.41
CA MSE A 699 -21.79 -51.01 -37.85
C MSE A 699 -21.37 -52.07 -36.84
O MSE A 699 -21.94 -52.17 -35.76
CB MSE A 699 -22.62 -51.65 -38.96
CG MSE A 699 -24.00 -52.15 -38.54
SE MSE A 699 -25.34 -50.74 -38.54
CE MSE A 699 -25.27 -50.24 -40.41
H MSE A 699 -20.60 -50.37 -39.26
HA MSE A 699 -22.35 -50.35 -37.40
HB2 MSE A 699 -22.75 -51.00 -39.66
HB3 MSE A 699 -22.13 -52.42 -39.31
HG2 MSE A 699 -24.28 -52.84 -39.17
HG3 MSE A 699 -23.94 -52.52 -37.65
HE1 MSE A 699 -25.90 -49.52 -40.56
HE2 MSE A 699 -24.37 -49.93 -40.62
HE3 MSE A 699 -25.49 -51.00 -40.95
N ALA A 700 -20.38 -52.87 -37.22
CA ALA A 700 -19.88 -53.92 -36.33
C ALA A 700 -19.01 -53.36 -35.22
N TYR A 701 -18.25 -52.30 -35.49
CA TYR A 701 -17.43 -51.66 -34.47
C TYR A 701 -18.25 -51.28 -33.24
N THR A 702 -19.34 -50.52 -33.43
CA THR A 702 -20.22 -50.19 -32.32
C THR A 702 -20.90 -51.41 -31.74
N SER A 703 -21.02 -52.49 -32.51
CA SER A 703 -21.73 -53.68 -32.03
C SER A 703 -20.88 -54.47 -31.04
N GLN A 704 -19.59 -54.62 -31.33
CA GLN A 704 -18.71 -55.31 -30.40
C GLN A 704 -18.65 -54.61 -29.05
N LEU A 705 -18.73 -53.28 -29.05
CA LEU A 705 -18.65 -52.49 -27.82
C LEU A 705 -20.06 -52.18 -27.30
N ARG A 706 -20.78 -53.26 -26.96
CA ARG A 706 -22.12 -53.10 -26.43
C ARG A 706 -22.08 -52.43 -25.06
N TYR A 707 -21.02 -52.68 -24.29
CA TYR A 707 -20.96 -52.24 -22.90
C TYR A 707 -20.45 -50.81 -22.78
N ARG A 708 -19.51 -50.42 -23.64
CA ARG A 708 -18.81 -49.15 -23.49
C ARG A 708 -19.41 -48.02 -24.32
N LEU A 709 -20.44 -48.28 -25.11
CA LEU A 709 -21.08 -47.26 -25.93
C LEU A 709 -22.58 -47.20 -25.61
N PRO A 710 -23.23 -46.08 -25.93
CA PRO A 710 -24.65 -45.92 -25.58
C PRO A 710 -25.49 -47.05 -26.12
N PRO A 711 -26.66 -47.31 -25.51
CA PRO A 711 -27.45 -48.47 -25.93
C PRO A 711 -28.03 -48.35 -27.33
N HIS A 712 -28.48 -47.15 -27.70
CA HIS A 712 -29.24 -46.94 -28.92
C HIS A 712 -28.41 -46.39 -30.07
N LEU A 713 -27.08 -46.40 -29.95
CA LEU A 713 -26.26 -45.93 -31.06
C LEU A 713 -26.44 -46.83 -32.28
N HIS A 714 -26.40 -48.15 -32.06
CA HIS A 714 -26.49 -49.11 -33.16
C HIS A 714 -27.77 -48.91 -33.98
N GLU A 715 -28.93 -49.02 -33.32
CA GLU A 715 -30.19 -48.93 -34.04
C GLU A 715 -30.30 -47.63 -34.82
N ALA A 716 -29.91 -46.50 -34.21
CA ALA A 716 -29.86 -45.25 -34.94
C ALA A 716 -28.74 -45.23 -35.98
N LEU A 717 -27.73 -46.09 -35.81
CA LEU A 717 -26.67 -46.20 -36.81
C LEU A 717 -27.20 -46.83 -38.08
N ALA A 718 -28.02 -47.88 -37.94
CA ALA A 718 -28.54 -48.59 -39.10
C ALA A 718 -29.57 -47.75 -39.84
N ARG A 719 -30.52 -47.18 -39.11
CA ARG A 719 -31.55 -46.32 -39.68
C ARG A 719 -31.01 -45.37 -40.73
N ALA A 720 -29.79 -44.85 -40.49
CA ALA A 720 -29.18 -43.87 -41.37
C ALA A 720 -28.09 -44.45 -42.25
N SER A 721 -27.85 -45.76 -42.19
CA SER A 721 -26.83 -46.39 -43.01
C SER A 721 -27.38 -46.70 -44.41
#